data_4XJA
#
_entry.id   4XJA
#
_cell.length_a   76.586
_cell.length_b   82.556
_cell.length_c   116.654
_cell.angle_alpha   90.000
_cell.angle_beta   90.000
_cell.angle_gamma   90.000
#
_symmetry.space_group_name_H-M   'P 21 21 21'
#
loop_
_entity.id
_entity.type
_entity.pdbx_description
1 polymer 'Sialidase B'
2 non-polymer '(1s,3R,4S)-1-[(cyclohexylamino)methyl]-3,4-dihydroxycyclopentanesulfonic acid'
3 non-polymer 'PHOSPHATE ION'
4 non-polymer 'DIMETHYL SULFOXIDE'
5 non-polymer '(2R,3R,4R,5R,6R)-5-acetamido-2,3-difluoro-4-hydroxy-6-[(1R,2R)-1,2,3-trihydroxypropyl]tetrahydro-2H-pyran-2-carboxylic acid'
6 water water
#
_entity_poly.entity_id   1
_entity_poly.type   'polypeptide(L)'
_entity_poly.pdbx_seq_one_letter_code
;ISPIFQGGSYQLNNKSIDISSLLLDKLSGESQTVVMKFKADKPNSLQALFGLSNSKAGFKNNYFSIFMRDSGEIGVEIRD
AQKGINYLFSRPASLWGKHKGQAVENTLVFVSDSKDKTYTMYVNGIEVFSETVDTFLPISNINGIDKATLGAVNREGKEH
YLAKGSIDEISLFNKAISDQEVSTIPLSNPFQLIFQSGDSTQANYFRIPTLYTLSSGRVLSSIDARYGGTHDSKSKINIA
TSYSDDNGKTWSEPIFAMKFNDYEEQLVYWPRDNKLKNSQISGSASFIDSSIVEDKKSGKTILLADVMPAGIGNNNANKA
DSGFKEINGHYYLKLKKNGDNDFRYTVRENGVVYNETTNKPTNYTINDKYEVLEGGKSLTVEQYSVDFDSGSLRERHNGK
QVPMNVFYKDSLFKVTPTNYIAMTTSQNRGESWEQFKLLPPFLGEKHNGTYLCPGQGLALKSSNRLIFATYTSGELTYLI
SDDSGQTWKKSSASIPFKNATAEAQMVELRDGVIRTFFRTTTGKIAYMTSRDSGETWSKVSYIDGIQQTSYGTQVSAIKY
SQLIDGKEAVILSTPNSRSGRKGGQLVVGLVNKEDDSIDWKYHYGIDLPSYGYAYSAITELPNHHIGVLFEKYDSWSRNE
LHLSNVVQYIDLEINDLT
;
_entity_poly.pdbx_strand_id   A
#
loop_
_chem_comp.id
_chem_comp.type
_chem_comp.name
_chem_comp.formula
DMS non-polymer 'DIMETHYL SULFOXIDE' 'C2 H6 O S'
OPX non-polymer '(1s,3R,4S)-1-[(cyclohexylamino)methyl]-3,4-dihydroxycyclopentanesulfonic acid' 'C12 H23 N O5 S'
PO4 non-polymer 'PHOSPHATE ION' 'O4 P -3'
SFJ D-saccharide '(2R,3R,4R,5R,6R)-5-acetamido-2,3-difluoro-4-hydroxy-6-[(1R,2R)-1,2,3-trihydroxypropyl]tetrahydro-2H-pyran-2-carboxylic acid' 'C11 H17 F2 N O8'
#
# COMPACT_ATOMS: atom_id res chain seq x y z
N ILE A 1 31.59 0.80 -19.21
CA ILE A 1 32.47 -0.32 -19.52
C ILE A 1 31.77 -1.38 -20.37
N SER A 2 32.57 -2.20 -21.04
CA SER A 2 32.04 -3.31 -21.82
C SER A 2 31.76 -4.49 -20.90
N PRO A 3 30.78 -5.33 -21.27
CA PRO A 3 30.64 -6.56 -20.49
C PRO A 3 31.75 -7.55 -20.86
N ILE A 4 32.07 -8.44 -19.94
CA ILE A 4 33.09 -9.45 -20.16
C ILE A 4 32.42 -10.66 -20.76
N PHE A 5 31.11 -10.68 -20.66
CA PHE A 5 30.29 -11.75 -21.22
C PHE A 5 28.89 -11.21 -21.50
N GLN A 6 28.34 -11.61 -22.64
CA GLN A 6 26.99 -11.25 -23.00
C GLN A 6 26.42 -12.35 -23.85
N GLY A 7 25.26 -12.87 -23.44
CA GLY A 7 24.57 -13.94 -24.15
C GLY A 7 23.07 -13.79 -24.04
N GLY A 8 22.32 -14.59 -24.78
CA GLY A 8 20.88 -14.43 -24.75
C GLY A 8 20.04 -15.48 -25.41
N SER A 9 18.72 -15.32 -25.27
CA SER A 9 17.72 -16.29 -25.70
C SER A 9 18.08 -17.70 -25.23
N TYR A 10 18.28 -17.84 -23.93
CA TYR A 10 18.41 -19.16 -23.31
C TYR A 10 17.07 -19.61 -22.78
N GLN A 11 16.63 -20.80 -23.19
CA GLN A 11 15.41 -21.38 -22.65
C GLN A 11 15.79 -22.29 -21.49
N LEU A 12 15.22 -22.02 -20.32
CA LEU A 12 15.42 -22.88 -19.16
C LEU A 12 14.24 -23.83 -19.00
N ASN A 13 14.40 -25.07 -19.47
CA ASN A 13 13.30 -26.02 -19.38
C ASN A 13 13.67 -27.19 -18.48
N ASN A 14 13.85 -26.89 -17.19
CA ASN A 14 14.23 -27.88 -16.20
C ASN A 14 15.49 -28.66 -16.59
N LYS A 15 16.45 -27.94 -17.16
CA LYS A 15 17.73 -28.50 -17.56
C LYS A 15 18.71 -27.36 -17.70
N SER A 16 19.73 -27.34 -16.85
CA SER A 16 20.66 -26.22 -16.79
C SER A 16 21.50 -26.06 -18.06
N ILE A 17 21.96 -24.84 -18.30
CA ILE A 17 22.86 -24.55 -19.42
C ILE A 17 24.23 -24.21 -18.88
N ASP A 18 25.25 -24.91 -19.36
CA ASP A 18 26.63 -24.66 -18.93
C ASP A 18 27.27 -23.55 -19.77
N ILE A 19 27.69 -22.48 -19.11
CA ILE A 19 28.39 -21.40 -19.79
C ILE A 19 29.80 -21.18 -19.21
N SER A 20 30.33 -22.21 -18.57
CA SER A 20 31.64 -22.11 -17.90
C SER A 20 32.75 -21.64 -18.83
N SER A 21 32.86 -22.28 -20.00
CA SER A 21 33.91 -21.96 -20.96
C SER A 21 33.86 -20.52 -21.41
N LEU A 22 32.65 -20.01 -21.58
CA LEU A 22 32.43 -18.63 -22.02
C LEU A 22 32.71 -17.59 -20.93
N LEU A 23 32.47 -17.96 -19.68
CA LEU A 23 32.44 -16.95 -18.61
C LEU A 23 33.59 -16.99 -17.60
N LEU A 24 33.93 -18.18 -17.11
CA LEU A 24 34.79 -18.29 -15.93
C LEU A 24 36.16 -17.63 -16.05
N ASP A 25 36.82 -17.81 -17.18
CA ASP A 25 38.14 -17.21 -17.36
C ASP A 25 38.09 -15.70 -17.63
N LYS A 26 36.88 -15.15 -17.70
CA LYS A 26 36.68 -13.71 -17.90
C LYS A 26 36.50 -12.98 -16.57
N LEU A 27 36.13 -13.71 -15.53
CA LEU A 27 35.91 -13.10 -14.21
C LEU A 27 37.23 -12.67 -13.57
N SER A 28 37.34 -11.39 -13.22
N SER A 28 37.34 -11.39 -13.24
CA SER A 28 38.57 -10.90 -12.60
CA SER A 28 38.56 -10.84 -12.66
C SER A 28 38.30 -9.73 -11.68
C SER A 28 38.27 -9.72 -11.67
N GLY A 29 39.10 -9.62 -10.63
CA GLY A 29 38.93 -8.59 -9.63
C GLY A 29 37.80 -8.96 -8.68
N GLU A 30 37.56 -8.10 -7.69
CA GLU A 30 36.65 -8.49 -6.61
C GLU A 30 35.25 -7.88 -6.69
N SER A 31 35.00 -7.03 -7.69
CA SER A 31 33.69 -6.41 -7.90
C SER A 31 33.06 -6.84 -9.22
N GLN A 32 31.78 -7.16 -9.21
CA GLN A 32 31.07 -7.60 -10.42
C GLN A 32 29.64 -7.09 -10.44
N THR A 33 29.09 -6.94 -11.63
CA THR A 33 27.68 -6.60 -11.80
C THR A 33 27.07 -7.63 -12.75
N VAL A 34 25.91 -8.17 -12.39
CA VAL A 34 25.15 -9.05 -13.28
C VAL A 34 23.88 -8.33 -13.72
N VAL A 35 23.67 -8.24 -15.04
CA VAL A 35 22.44 -7.68 -15.58
C VAL A 35 21.72 -8.79 -16.34
N MET A 36 20.45 -9.02 -16.00
CA MET A 36 19.73 -10.15 -16.55
C MET A 36 18.29 -9.77 -16.88
N LYS A 37 17.87 -10.04 -18.11
CA LYS A 37 16.47 -9.91 -18.49
C LYS A 37 15.90 -11.31 -18.63
N PHE A 38 14.86 -11.61 -17.84
CA PHE A 38 14.35 -12.98 -17.79
C PHE A 38 12.84 -13.04 -17.62
N LYS A 39 12.26 -14.15 -18.03
CA LYS A 39 10.83 -14.39 -17.86
C LYS A 39 10.67 -15.64 -17.06
N ALA A 40 9.63 -15.68 -16.23
CA ALA A 40 9.26 -16.89 -15.52
C ALA A 40 7.79 -16.80 -15.16
N ASP A 41 6.95 -17.29 -16.07
CA ASP A 41 5.51 -17.22 -15.85
C ASP A 41 4.98 -18.53 -15.30
N LYS A 42 5.85 -19.53 -15.22
CA LYS A 42 5.49 -20.80 -14.59
C LYS A 42 6.64 -21.35 -13.77
N PRO A 43 7.14 -20.56 -12.79
CA PRO A 43 8.35 -20.95 -12.10
C PRO A 43 8.14 -22.19 -11.22
N ASN A 44 9.20 -22.93 -10.96
CA ASN A 44 9.18 -23.97 -9.94
C ASN A 44 9.18 -23.30 -8.58
N SER A 45 8.95 -24.07 -7.52
CA SER A 45 8.82 -23.51 -6.17
C SER A 45 10.03 -22.66 -5.77
N LEU A 46 11.22 -23.18 -6.03
CA LEU A 46 12.46 -22.47 -5.75
C LEU A 46 13.38 -22.82 -6.89
N GLN A 47 13.89 -21.80 -7.59
CA GLN A 47 14.77 -22.08 -8.72
C GLN A 47 15.87 -21.02 -8.88
N ALA A 48 17.05 -21.47 -9.32
CA ALA A 48 18.16 -20.55 -9.57
C ALA A 48 18.18 -20.12 -11.02
N LEU A 49 18.37 -18.82 -11.25
CA LEU A 49 18.48 -18.33 -12.62
C LEU A 49 19.93 -18.41 -13.07
N PHE A 50 20.83 -18.15 -12.14
CA PHE A 50 22.26 -18.10 -12.46
C PHE A 50 23.06 -18.62 -11.28
N GLY A 51 24.12 -19.37 -11.57
CA GLY A 51 24.96 -19.93 -10.53
C GLY A 51 26.43 -19.94 -10.91
N LEU A 52 27.28 -19.76 -9.91
CA LEU A 52 28.72 -19.94 -10.03
C LEU A 52 29.07 -20.85 -8.88
N SER A 53 29.64 -22.00 -9.16
CA SER A 53 29.85 -22.98 -8.08
C SER A 53 31.14 -23.78 -8.19
N ASN A 54 31.60 -24.24 -7.05
CA ASN A 54 32.55 -25.34 -7.00
C ASN A 54 31.72 -26.63 -7.08
N SER A 55 31.82 -27.32 -8.20
CA SER A 55 30.96 -28.50 -8.42
C SER A 55 31.57 -29.78 -7.86
N LYS A 56 32.71 -29.67 -7.18
CA LYS A 56 33.46 -30.86 -6.72
C LYS A 56 32.92 -31.49 -5.44
N ALA A 57 33.06 -32.81 -5.33
CA ALA A 57 32.70 -33.52 -4.10
C ALA A 57 33.37 -32.86 -2.90
N GLY A 58 32.62 -32.65 -1.81
CA GLY A 58 33.18 -32.01 -0.62
C GLY A 58 33.06 -30.50 -0.56
N PHE A 59 32.57 -29.89 -1.63
CA PHE A 59 32.45 -28.43 -1.68
C PHE A 59 31.04 -27.94 -2.02
N LYS A 60 30.02 -28.62 -1.52
CA LYS A 60 28.65 -28.32 -1.90
C LYS A 60 28.21 -26.94 -1.42
N ASN A 61 28.96 -26.38 -0.47
CA ASN A 61 28.62 -25.09 0.11
C ASN A 61 29.53 -23.96 -0.38
N ASN A 62 30.08 -24.14 -1.58
CA ASN A 62 30.90 -23.11 -2.19
C ASN A 62 30.26 -22.67 -3.49
N TYR A 63 29.32 -21.73 -3.40
CA TYR A 63 28.65 -21.25 -4.60
C TYR A 63 28.06 -19.87 -4.42
N PHE A 64 27.81 -19.22 -5.55
CA PHE A 64 27.00 -18.03 -5.62
C PHE A 64 25.81 -18.34 -6.50
N SER A 65 24.63 -17.84 -6.13
CA SER A 65 23.45 -18.05 -6.95
C SER A 65 22.55 -16.82 -6.91
N ILE A 66 21.88 -16.55 -8.01
CA ILE A 66 20.73 -15.66 -7.99
C ILE A 66 19.51 -16.56 -8.09
N PHE A 67 18.64 -16.53 -7.09
CA PHE A 67 17.47 -17.43 -7.07
C PHE A 67 16.15 -16.66 -6.96
N MET A 68 15.05 -17.33 -7.28
CA MET A 68 13.71 -16.80 -7.07
C MET A 68 12.80 -17.88 -6.49
N ARG A 69 11.67 -17.46 -5.90
CA ARG A 69 10.65 -18.40 -5.44
C ARG A 69 9.36 -18.15 -6.20
N ASP A 70 8.47 -19.15 -6.25
CA ASP A 70 7.18 -18.94 -6.93
C ASP A 70 6.26 -17.98 -6.17
N SER A 71 6.72 -17.46 -5.03
CA SER A 71 6.03 -16.36 -4.36
C SER A 71 6.36 -14.99 -4.97
N GLY A 72 7.36 -14.96 -5.86
CA GLY A 72 7.85 -13.70 -6.42
C GLY A 72 9.07 -13.14 -5.70
N GLU A 73 9.54 -13.86 -4.69
CA GLU A 73 10.72 -13.45 -3.94
C GLU A 73 11.97 -13.60 -4.82
N ILE A 74 12.91 -12.66 -4.69
CA ILE A 74 14.21 -12.74 -5.37
C ILE A 74 15.28 -12.73 -4.30
N GLY A 75 16.41 -13.39 -4.57
CA GLY A 75 17.51 -13.36 -3.61
C GLY A 75 18.82 -13.88 -4.17
N VAL A 76 19.86 -13.83 -3.36
CA VAL A 76 21.13 -14.43 -3.75
C VAL A 76 21.69 -15.23 -2.57
N GLU A 77 22.54 -16.21 -2.89
CA GLU A 77 23.35 -16.87 -1.88
C GLU A 77 24.81 -16.64 -2.25
N ILE A 78 25.65 -16.41 -1.24
CA ILE A 78 27.07 -16.25 -1.49
C ILE A 78 27.79 -17.03 -0.39
N ARG A 79 28.40 -18.17 -0.76
CA ARG A 79 28.87 -19.14 0.23
C ARG A 79 30.26 -19.67 -0.06
N ASP A 80 31.06 -19.81 1.00
CA ASP A 80 32.40 -20.38 0.89
C ASP A 80 32.72 -21.02 2.23
N ALA A 81 32.82 -22.34 2.26
CA ALA A 81 33.08 -23.06 3.51
C ALA A 81 34.47 -22.76 4.08
N GLN A 82 35.47 -22.66 3.21
CA GLN A 82 36.84 -22.41 3.66
C GLN A 82 37.03 -21.01 4.27
N LYS A 83 36.16 -20.08 3.88
CA LYS A 83 36.20 -18.73 4.41
C LYS A 83 35.27 -18.58 5.61
N GLY A 84 34.36 -19.54 5.78
CA GLY A 84 33.40 -19.49 6.87
C GLY A 84 32.32 -18.45 6.65
N ILE A 85 31.94 -18.26 5.39
CA ILE A 85 30.93 -17.27 5.02
C ILE A 85 29.71 -17.90 4.35
N ASN A 86 28.53 -17.57 4.86
CA ASN A 86 27.26 -18.03 4.28
C ASN A 86 26.20 -16.94 4.23
N TYR A 87 26.23 -16.13 3.18
CA TYR A 87 25.31 -15.01 3.05
C TYR A 87 24.06 -15.39 2.28
N LEU A 88 22.91 -14.93 2.76
CA LEU A 88 21.64 -15.15 2.08
C LEU A 88 20.90 -13.82 2.18
N PHE A 89 20.71 -13.14 1.06
CA PHE A 89 19.93 -11.89 1.03
C PHE A 89 18.77 -12.07 0.08
N SER A 90 17.60 -11.60 0.45
CA SER A 90 16.44 -11.71 -0.42
C SER A 90 15.37 -10.69 -0.05
N ARG A 91 14.42 -10.49 -0.96
CA ARG A 91 13.20 -9.76 -0.63
C ARG A 91 12.01 -10.41 -1.31
N PRO A 92 10.94 -10.68 -0.53
CA PRO A 92 9.69 -11.17 -1.13
C PRO A 92 9.12 -10.20 -2.16
N ALA A 93 8.14 -10.67 -2.95
CA ALA A 93 7.36 -9.81 -3.84
C ALA A 93 8.20 -8.83 -4.68
N SER A 94 9.22 -9.35 -5.37
CA SER A 94 10.10 -8.49 -6.16
C SER A 94 9.89 -8.65 -7.66
N LEU A 95 9.00 -9.56 -8.06
CA LEU A 95 8.92 -9.97 -9.47
C LEU A 95 7.55 -9.81 -10.10
N TRP A 96 7.53 -9.73 -11.43
CA TRP A 96 6.31 -9.90 -12.22
C TRP A 96 6.36 -11.23 -12.96
N GLY A 97 5.19 -11.81 -13.25
CA GLY A 97 5.13 -13.06 -13.98
C GLY A 97 4.50 -12.90 -15.35
N LYS A 98 3.26 -12.41 -15.36
CA LYS A 98 2.47 -12.27 -16.59
C LYS A 98 1.70 -10.95 -16.55
N HIS A 99 1.47 -10.37 -17.73
CA HIS A 99 0.68 -9.15 -17.84
C HIS A 99 -0.04 -9.21 -19.18
N LYS A 100 -1.37 -9.12 -19.15
CA LYS A 100 -2.19 -9.21 -20.36
C LYS A 100 -1.92 -10.50 -21.12
N GLY A 101 -1.82 -11.61 -20.39
CA GLY A 101 -1.65 -12.91 -21.02
C GLY A 101 -0.22 -13.27 -21.40
N GLN A 102 0.70 -12.30 -21.36
CA GLN A 102 2.07 -12.52 -21.81
C GLN A 102 3.08 -12.52 -20.66
N ALA A 103 4.08 -13.38 -20.75
CA ALA A 103 5.17 -13.39 -19.76
C ALA A 103 5.90 -12.05 -19.73
N VAL A 104 6.14 -11.54 -18.52
CA VAL A 104 6.81 -10.26 -18.33
C VAL A 104 8.32 -10.41 -18.35
N GLU A 105 8.99 -9.51 -19.09
CA GLU A 105 10.45 -9.49 -19.08
C GLU A 105 10.93 -8.67 -17.89
N ASN A 106 11.34 -9.36 -16.83
CA ASN A 106 11.89 -8.70 -15.65
C ASN A 106 13.32 -8.29 -15.92
N THR A 107 13.70 -7.10 -15.42
CA THR A 107 15.07 -6.62 -15.57
C THR A 107 15.75 -6.65 -14.21
N LEU A 108 16.74 -7.53 -14.06
CA LEU A 108 17.43 -7.71 -12.79
C LEU A 108 18.86 -7.19 -12.87
N VAL A 109 19.26 -6.37 -11.89
CA VAL A 109 20.64 -5.87 -11.84
C VAL A 109 21.20 -6.17 -10.44
N PHE A 110 22.25 -6.98 -10.38
CA PHE A 110 22.88 -7.29 -9.10
C PHE A 110 24.31 -6.77 -9.07
N VAL A 111 24.60 -5.97 -8.05
CA VAL A 111 25.91 -5.34 -7.91
C VAL A 111 26.64 -5.84 -6.68
N SER A 112 27.84 -6.36 -6.92
CA SER A 112 28.70 -6.88 -5.85
C SER A 112 29.90 -5.95 -5.74
N ASP A 113 29.90 -5.08 -4.73
CA ASP A 113 30.86 -3.99 -4.63
C ASP A 113 31.89 -4.25 -3.52
N SER A 114 33.10 -4.65 -3.91
CA SER A 114 34.12 -5.02 -2.92
C SER A 114 34.64 -3.82 -2.14
N LYS A 115 34.64 -2.65 -2.76
CA LYS A 115 35.20 -1.48 -2.11
C LYS A 115 34.27 -0.96 -1.01
N ASP A 116 32.97 -0.90 -1.29
CA ASP A 116 32.00 -0.52 -0.26
C ASP A 116 31.48 -1.73 0.52
N LYS A 117 31.99 -2.92 0.19
CA LYS A 117 31.54 -4.18 0.81
C LYS A 117 30.03 -4.32 0.87
N THR A 118 29.38 -4.05 -0.26
CA THR A 118 27.93 -3.99 -0.31
C THR A 118 27.39 -4.80 -1.48
N TYR A 119 26.32 -5.56 -1.23
CA TYR A 119 25.61 -6.27 -2.28
C TYR A 119 24.24 -5.61 -2.48
N THR A 120 23.95 -5.21 -3.71
CA THR A 120 22.72 -4.50 -4.02
C THR A 120 21.96 -5.18 -5.15
N MET A 121 20.66 -5.41 -4.95
CA MET A 121 19.80 -6.01 -5.97
C MET A 121 18.71 -5.06 -6.42
N TYR A 122 18.60 -4.85 -7.72
CA TYR A 122 17.50 -4.12 -8.31
C TYR A 122 16.68 -5.06 -9.18
N VAL A 123 15.36 -4.94 -9.13
CA VAL A 123 14.51 -5.63 -10.11
C VAL A 123 13.46 -4.67 -10.67
N ASN A 124 13.36 -4.61 -11.99
CA ASN A 124 12.42 -3.70 -12.65
C ASN A 124 12.57 -2.25 -12.19
N GLY A 125 13.82 -1.84 -12.00
CA GLY A 125 14.11 -0.44 -11.70
C GLY A 125 13.87 -0.09 -10.23
N ILE A 126 13.71 -1.12 -9.41
CA ILE A 126 13.43 -0.94 -8.00
C ILE A 126 14.51 -1.64 -7.18
N GLU A 127 15.11 -0.90 -6.26
CA GLU A 127 16.13 -1.47 -5.38
C GLU A 127 15.42 -2.28 -4.31
N VAL A 128 15.66 -3.59 -4.29
CA VAL A 128 14.91 -4.46 -3.39
C VAL A 128 15.73 -4.85 -2.14
N PHE A 129 17.05 -4.84 -2.25
CA PHE A 129 17.87 -4.88 -1.05
C PHE A 129 19.25 -4.29 -1.29
N SER A 130 19.85 -3.78 -0.22
CA SER A 130 21.23 -3.29 -0.27
C SER A 130 21.88 -3.65 1.06
N GLU A 131 22.83 -4.56 1.03
CA GLU A 131 23.40 -5.08 2.26
C GLU A 131 24.90 -4.89 2.35
N THR A 132 25.35 -4.27 3.45
CA THR A 132 26.78 -4.06 3.70
C THR A 132 27.26 -5.09 4.72
N VAL A 133 28.45 -5.64 4.51
CA VAL A 133 28.96 -6.69 5.39
C VAL A 133 30.35 -6.34 5.91
N ASP A 134 30.72 -6.88 7.07
CA ASP A 134 32.05 -6.68 7.62
C ASP A 134 33.10 -7.46 6.84
N THR A 135 32.77 -8.71 6.50
CA THR A 135 33.67 -9.56 5.72
C THR A 135 33.13 -9.80 4.31
N PHE A 136 33.67 -9.09 3.33
CA PHE A 136 33.13 -9.18 1.98
C PHE A 136 33.59 -10.46 1.26
N LEU A 137 32.67 -11.07 0.52
CA LEU A 137 33.01 -12.22 -0.31
C LEU A 137 32.76 -11.94 -1.79
N PRO A 138 33.83 -11.75 -2.58
CA PRO A 138 33.63 -11.51 -4.01
C PRO A 138 33.05 -12.77 -4.66
N ILE A 139 32.08 -12.62 -5.55
CA ILE A 139 31.30 -13.76 -6.03
C ILE A 139 32.11 -14.74 -6.86
N SER A 140 33.24 -14.27 -7.40
CA SER A 140 34.11 -15.15 -8.17
C SER A 140 35.44 -15.41 -7.47
N ASN A 141 35.50 -15.10 -6.17
CA ASN A 141 36.63 -15.52 -5.35
C ASN A 141 36.24 -16.64 -4.38
N ILE A 142 35.13 -17.31 -4.65
CA ILE A 142 34.75 -18.48 -3.88
C ILE A 142 35.71 -19.63 -4.22
N ASN A 143 36.17 -20.34 -3.19
CA ASN A 143 37.21 -21.36 -3.36
C ASN A 143 36.85 -22.49 -4.33
N GLY A 144 37.61 -22.60 -5.41
CA GLY A 144 37.48 -23.70 -6.34
C GLY A 144 36.29 -23.62 -7.28
N ILE A 145 35.82 -22.42 -7.57
CA ILE A 145 34.73 -22.30 -8.54
C ILE A 145 35.17 -22.85 -9.91
N ASP A 146 34.33 -23.71 -10.49
CA ASP A 146 34.67 -24.34 -11.77
C ASP A 146 33.45 -24.50 -12.68
N LYS A 147 32.33 -23.92 -12.28
CA LYS A 147 31.10 -24.01 -13.08
C LYS A 147 30.36 -22.68 -13.06
N ALA A 148 29.99 -22.18 -14.23
CA ALA A 148 29.04 -21.08 -14.38
C ALA A 148 27.82 -21.65 -15.09
N THR A 149 26.66 -21.46 -14.47
CA THR A 149 25.45 -22.19 -14.85
C THR A 149 24.23 -21.26 -14.93
N LEU A 150 23.36 -21.53 -15.90
CA LEU A 150 22.07 -20.85 -15.98
C LEU A 150 20.98 -21.89 -15.72
N GLY A 151 20.03 -21.56 -14.84
CA GLY A 151 18.87 -22.40 -14.62
C GLY A 151 19.09 -23.52 -13.63
N ALA A 152 20.22 -23.46 -12.90
CA ALA A 152 20.50 -24.37 -11.80
C ALA A 152 21.77 -23.94 -11.08
N VAL A 153 22.06 -24.59 -9.96
CA VAL A 153 23.40 -24.51 -9.36
C VAL A 153 23.96 -25.93 -9.33
N ASN A 154 25.15 -26.12 -9.90
CA ASN A 154 25.79 -27.44 -9.89
C ASN A 154 26.49 -27.64 -8.56
N ARG A 155 25.95 -28.53 -7.74
CA ARG A 155 26.59 -28.87 -6.46
C ARG A 155 26.96 -30.35 -6.48
N GLU A 156 28.25 -30.65 -6.38
CA GLU A 156 28.72 -32.03 -6.36
C GLU A 156 28.23 -32.83 -7.58
N GLY A 157 28.18 -32.16 -8.73
CA GLY A 157 27.81 -32.80 -9.98
C GLY A 157 26.33 -32.94 -10.29
N LYS A 158 25.46 -32.49 -9.38
CA LYS A 158 24.02 -32.58 -9.59
C LYS A 158 23.38 -31.19 -9.73
N GLU A 159 22.29 -31.11 -10.50
CA GLU A 159 21.58 -29.85 -10.72
C GLU A 159 20.62 -29.54 -9.58
N HIS A 160 20.93 -28.52 -8.78
CA HIS A 160 20.04 -28.08 -7.72
C HIS A 160 19.26 -26.84 -8.18
N TYR A 161 18.06 -26.66 -7.65
CA TYR A 161 17.22 -25.50 -7.98
C TYR A 161 16.95 -25.36 -9.48
N LEU A 162 16.61 -26.47 -10.13
CA LEU A 162 16.28 -26.46 -11.56
C LEU A 162 15.18 -25.43 -11.86
N ALA A 163 15.39 -24.64 -12.91
CA ALA A 163 14.50 -23.53 -13.24
C ALA A 163 13.65 -23.81 -14.46
N LYS A 164 12.43 -23.30 -14.44
CA LYS A 164 11.63 -23.16 -15.66
C LYS A 164 11.48 -21.67 -15.97
N GLY A 165 11.84 -21.25 -17.18
CA GLY A 165 11.71 -19.85 -17.57
C GLY A 165 12.64 -19.59 -18.72
N SER A 166 12.97 -18.32 -18.94
CA SER A 166 13.91 -18.00 -20.01
C SER A 166 14.77 -16.84 -19.61
N ILE A 167 16.02 -16.86 -20.05
CA ILE A 167 16.91 -15.72 -19.87
C ILE A 167 17.18 -15.11 -21.23
N ASP A 168 16.48 -14.03 -21.53
CA ASP A 168 16.57 -13.46 -22.87
C ASP A 168 17.87 -12.69 -23.05
N GLU A 169 18.39 -12.13 -21.97
CA GLU A 169 19.65 -11.38 -22.01
C GLU A 169 20.40 -11.54 -20.69
N ILE A 170 21.70 -11.80 -20.76
CA ILE A 170 22.52 -11.80 -19.55
C ILE A 170 23.89 -11.18 -19.88
N SER A 171 24.27 -10.19 -19.07
CA SER A 171 25.58 -9.55 -19.18
C SER A 171 26.27 -9.57 -17.82
N LEU A 172 27.59 -9.68 -17.82
CA LEU A 172 28.38 -9.51 -16.60
C LEU A 172 29.51 -8.52 -16.82
N PHE A 173 29.85 -7.81 -15.76
CA PHE A 173 30.82 -6.73 -15.81
C PHE A 173 31.79 -6.93 -14.66
N ASN A 174 33.08 -6.73 -14.91
CA ASN A 174 34.08 -6.75 -13.83
C ASN A 174 34.19 -5.38 -13.20
N LYS A 175 33.10 -4.90 -12.62
CA LYS A 175 33.03 -3.58 -12.02
C LYS A 175 31.73 -3.51 -11.26
N ALA A 176 31.70 -2.74 -10.18
CA ALA A 176 30.45 -2.47 -9.48
C ALA A 176 29.89 -1.18 -10.05
N ILE A 177 28.88 -1.29 -10.91
CA ILE A 177 28.37 -0.09 -11.58
C ILE A 177 27.56 0.79 -10.63
N SER A 178 27.60 2.10 -10.87
CA SER A 178 26.96 3.04 -9.94
C SER A 178 25.44 3.01 -10.05
N ASP A 179 24.78 3.48 -9.00
CA ASP A 179 23.34 3.66 -8.98
C ASP A 179 22.93 4.51 -10.20
N GLN A 180 23.79 5.45 -10.57
CA GLN A 180 23.57 6.32 -11.71
C GLN A 180 23.53 5.51 -13.00
N GLU A 181 24.58 4.72 -13.23
CA GLU A 181 24.64 3.84 -14.40
C GLU A 181 23.48 2.83 -14.41
N VAL A 182 23.15 2.27 -13.24
CA VAL A 182 22.01 1.37 -13.12
C VAL A 182 20.71 1.98 -13.70
N SER A 183 20.46 3.25 -13.39
CA SER A 183 19.22 3.91 -13.81
C SER A 183 19.11 4.13 -15.33
N THR A 184 20.21 3.91 -16.05
CA THR A 184 20.25 4.07 -17.50
C THR A 184 19.94 2.78 -18.25
N ILE A 185 19.91 1.66 -17.53
CA ILE A 185 19.58 0.37 -18.15
C ILE A 185 18.10 0.32 -18.53
N PRO A 186 17.79 0.10 -19.82
CA PRO A 186 16.40 0.09 -20.29
C PRO A 186 15.56 -0.96 -19.58
N LEU A 187 14.32 -0.60 -19.27
CA LEU A 187 13.39 -1.50 -18.57
C LEU A 187 12.26 -1.94 -19.50
N SER A 188 11.62 -3.06 -19.17
CA SER A 188 10.45 -3.49 -19.92
C SER A 188 9.31 -3.72 -18.94
N ASN A 189 9.05 -2.72 -18.11
CA ASN A 189 8.07 -2.85 -17.03
C ASN A 189 6.63 -2.80 -17.53
N PRO A 190 5.77 -3.64 -16.95
CA PRO A 190 4.35 -3.61 -17.32
C PRO A 190 3.58 -2.63 -16.46
N PHE A 191 4.27 -2.03 -15.49
CA PHE A 191 3.62 -1.16 -14.50
C PHE A 191 4.34 0.17 -14.43
N GLN A 192 3.78 1.11 -13.67
CA GLN A 192 4.50 2.34 -13.34
C GLN A 192 4.24 2.65 -11.88
N LEU A 193 5.03 3.55 -11.31
CA LEU A 193 4.80 3.99 -9.94
C LEU A 193 4.18 5.38 -9.94
N ILE A 194 3.26 5.61 -9.01
CA ILE A 194 2.70 6.95 -8.80
C ILE A 194 3.37 7.50 -7.55
N PHE A 195 3.23 6.77 -6.45
CA PHE A 195 3.97 7.08 -5.22
C PHE A 195 5.15 6.13 -5.13
N GLN A 196 6.28 6.62 -4.63
CA GLN A 196 7.50 5.81 -4.56
C GLN A 196 8.49 6.36 -3.55
N SER A 197 9.33 5.46 -3.03
CA SER A 197 10.36 5.83 -2.07
C SER A 197 11.22 6.95 -2.63
N GLY A 198 11.44 7.98 -1.81
CA GLY A 198 12.30 9.09 -2.21
C GLY A 198 11.52 10.26 -2.80
N ASP A 199 10.22 10.10 -2.99
CA ASP A 199 9.42 11.20 -3.53
C ASP A 199 9.15 12.26 -2.47
N SER A 200 8.31 13.23 -2.83
CA SER A 200 8.04 14.39 -2.01
C SER A 200 7.45 14.05 -0.64
N THR A 201 6.87 12.85 -0.49
CA THR A 201 6.29 12.46 0.79
C THR A 201 7.38 12.07 1.79
N GLN A 202 8.50 11.61 1.27
CA GLN A 202 9.60 11.05 2.06
C GLN A 202 9.19 9.85 2.94
N ALA A 203 8.09 9.20 2.59
CA ALA A 203 7.72 7.94 3.21
C ALA A 203 8.36 6.82 2.42
N ASN A 204 8.93 5.84 3.11
CA ASN A 204 9.59 4.75 2.40
C ASN A 204 8.57 3.68 2.04
N TYR A 205 7.35 3.82 2.54
CA TYR A 205 6.31 2.79 2.36
C TYR A 205 4.95 3.39 2.04
N PHE A 206 4.12 2.62 1.34
CA PHE A 206 2.79 3.07 0.96
C PHE A 206 1.81 1.90 1.05
N ARG A 207 0.58 2.19 1.47
CA ARG A 207 -0.49 1.21 1.44
C ARG A 207 -1.81 1.92 1.21
N ILE A 208 -2.84 1.15 0.92
CA ILE A 208 -4.22 1.66 0.83
C ILE A 208 -4.42 2.67 -0.32
N PRO A 209 -4.18 2.23 -1.56
CA PRO A 209 -4.36 3.11 -2.72
C PRO A 209 -5.82 3.39 -3.03
N THR A 210 -6.11 4.58 -3.56
CA THR A 210 -7.40 4.93 -4.13
C THR A 210 -7.21 5.55 -5.52
N LEU A 211 -8.26 5.50 -6.34
CA LEU A 211 -8.30 6.16 -7.64
C LEU A 211 -9.70 6.69 -7.85
N TYR A 212 -9.84 7.85 -8.49
CA TYR A 212 -11.16 8.41 -8.75
C TYR A 212 -11.07 9.26 -10.01
N THR A 213 -12.02 9.10 -10.92
CA THR A 213 -11.98 9.86 -12.16
C THR A 213 -12.87 11.09 -12.02
N LEU A 214 -12.28 12.27 -12.10
CA LEU A 214 -13.00 13.53 -11.95
C LEU A 214 -13.69 13.97 -13.27
N SER A 215 -14.66 14.87 -13.17
CA SER A 215 -15.47 15.26 -14.33
C SER A 215 -14.64 15.96 -15.40
N SER A 216 -13.55 16.60 -15.00
CA SER A 216 -12.67 17.27 -15.96
C SER A 216 -11.82 16.26 -16.74
N GLY A 217 -11.80 15.02 -16.26
CA GLY A 217 -11.02 13.98 -16.91
C GLY A 217 -9.71 13.73 -16.17
N ARG A 218 -9.39 14.63 -15.24
CA ARG A 218 -8.25 14.41 -14.36
C ARG A 218 -8.52 13.18 -13.52
N VAL A 219 -7.50 12.35 -13.31
CA VAL A 219 -7.65 11.16 -12.48
C VAL A 219 -6.89 11.38 -11.19
N LEU A 220 -7.57 11.22 -10.06
CA LEU A 220 -6.95 11.50 -8.77
C LEU A 220 -6.69 10.21 -7.99
N SER A 221 -5.57 10.19 -7.30
CA SER A 221 -5.22 9.05 -6.44
C SER A 221 -4.86 9.53 -5.05
N SER A 222 -5.28 8.78 -4.02
CA SER A 222 -4.81 9.03 -2.66
C SER A 222 -4.16 7.77 -2.10
N ILE A 223 -3.46 7.92 -0.99
CA ILE A 223 -2.72 6.80 -0.42
C ILE A 223 -2.30 7.10 1.02
N ASP A 224 -2.09 6.06 1.80
CA ASP A 224 -1.41 6.20 3.09
C ASP A 224 0.07 6.31 2.81
N ALA A 225 0.68 7.46 3.13
CA ALA A 225 2.14 7.52 3.14
C ALA A 225 2.61 7.05 4.54
N ARG A 226 3.13 5.83 4.60
CA ARG A 226 3.44 5.19 5.89
C ARG A 226 4.93 5.26 6.19
N TYR A 227 5.27 5.92 7.29
CA TYR A 227 6.67 6.18 7.58
C TYR A 227 7.33 5.08 8.40
N GLY A 228 6.61 4.54 9.37
CA GLY A 228 7.19 3.56 10.28
C GLY A 228 6.98 2.14 9.79
N GLY A 229 7.54 1.83 8.63
CA GLY A 229 7.27 0.56 7.97
C GLY A 229 5.83 0.54 7.46
N THR A 230 5.33 -0.63 7.11
CA THR A 230 3.98 -0.74 6.55
C THR A 230 2.87 -0.91 7.60
N HIS A 231 3.23 -0.83 8.87
CA HIS A 231 2.29 -1.03 9.97
C HIS A 231 1.11 -0.07 9.91
N ASP A 232 -0.09 -0.53 10.27
CA ASP A 232 -1.22 0.38 10.48
CA ASP A 232 -1.21 0.39 10.47
C ASP A 232 -0.98 1.17 11.76
N SER A 233 -1.80 2.19 11.99
CA SER A 233 -1.71 2.96 13.23
C SER A 233 -1.84 1.99 14.40
N LYS A 234 -1.15 2.22 15.52
CA LYS A 234 -0.33 3.43 15.76
C LYS A 234 0.93 3.47 14.91
N SER A 235 1.23 4.64 14.36
CA SER A 235 2.43 4.85 13.56
C SER A 235 2.53 6.33 13.22
N LYS A 236 3.42 6.67 12.30
CA LYS A 236 3.28 7.97 11.61
C LYS A 236 2.84 7.68 10.19
N ILE A 237 1.68 8.23 9.81
CA ILE A 237 1.13 8.06 8.48
C ILE A 237 0.46 9.36 8.10
N ASN A 238 0.73 9.81 6.88
CA ASN A 238 0.05 10.97 6.30
C ASN A 238 -0.77 10.48 5.10
N ILE A 239 -1.70 11.30 4.64
CA ILE A 239 -2.43 10.98 3.41
C ILE A 239 -1.86 11.82 2.29
N ALA A 240 -1.41 11.18 1.21
CA ALA A 240 -0.87 11.90 0.05
C ALA A 240 -1.74 11.69 -1.19
N THR A 241 -1.64 12.63 -2.14
CA THR A 241 -2.42 12.54 -3.38
C THR A 241 -1.54 12.90 -4.58
N SER A 242 -1.96 12.44 -5.75
CA SER A 242 -1.26 12.69 -7.01
C SER A 242 -2.34 12.58 -8.07
N TYR A 243 -2.19 13.28 -9.19
CA TYR A 243 -3.21 13.21 -10.24
C TYR A 243 -2.57 13.07 -11.61
N SER A 244 -3.35 12.54 -12.55
CA SER A 244 -2.93 12.45 -13.94
C SER A 244 -3.91 13.17 -14.85
N ASP A 245 -3.39 13.96 -15.77
CA ASP A 245 -4.24 14.67 -16.73
C ASP A 245 -4.18 14.04 -18.11
N ASP A 246 -3.47 12.92 -18.21
CA ASP A 246 -3.30 12.29 -19.52
C ASP A 246 -3.65 10.81 -19.50
N ASN A 247 -4.80 10.49 -18.88
CA ASN A 247 -5.31 9.12 -18.81
C ASN A 247 -4.35 8.15 -18.11
N GLY A 248 -3.64 8.64 -17.11
CA GLY A 248 -2.77 7.81 -16.29
C GLY A 248 -1.36 7.60 -16.82
N LYS A 249 -1.00 8.23 -17.93
CA LYS A 249 0.34 8.07 -18.49
C LYS A 249 1.43 8.69 -17.61
N THR A 250 1.18 9.89 -17.08
CA THR A 250 2.10 10.53 -16.15
C THR A 250 1.32 11.08 -14.96
N TRP A 251 2.02 11.25 -13.84
CA TRP A 251 1.40 11.57 -12.57
C TRP A 251 2.17 12.70 -11.91
N SER A 252 1.45 13.56 -11.18
CA SER A 252 2.06 14.73 -10.55
C SER A 252 2.88 14.32 -9.33
N GLU A 253 3.87 15.13 -8.97
CA GLU A 253 4.59 14.89 -7.72
C GLU A 253 3.59 15.00 -6.57
N PRO A 254 3.63 14.04 -5.64
CA PRO A 254 2.62 14.01 -4.57
C PRO A 254 2.62 15.25 -3.68
N ILE A 255 1.44 15.59 -3.17
CA ILE A 255 1.28 16.57 -2.11
C ILE A 255 0.51 15.88 -0.99
N PHE A 256 0.50 16.48 0.20
CA PHE A 256 -0.30 15.93 1.30
C PHE A 256 -1.72 16.46 1.31
N ALA A 257 -2.68 15.56 1.52
CA ALA A 257 -4.06 15.98 1.77
C ALA A 257 -4.29 16.17 3.26
N MET A 258 -3.69 15.29 4.06
CA MET A 258 -3.76 15.36 5.52
C MET A 258 -2.40 15.00 6.10
N LYS A 259 -1.88 15.85 6.97
CA LYS A 259 -0.58 15.56 7.58
C LYS A 259 -0.48 16.13 8.98
N PHE A 260 0.33 15.47 9.79
CA PHE A 260 0.64 15.91 11.15
C PHE A 260 2.15 16.20 11.21
N ASN A 261 2.55 17.10 12.11
CA ASN A 261 3.97 17.50 12.17
C ASN A 261 4.66 17.13 13.48
N ASP A 262 3.98 16.39 14.35
CA ASP A 262 4.56 16.06 15.66
C ASP A 262 5.82 15.21 15.51
N TYR A 263 5.88 14.44 14.44
CA TYR A 263 7.07 13.64 14.11
C TYR A 263 7.59 14.05 12.72
N GLU A 264 8.90 14.02 12.57
CA GLU A 264 9.54 14.34 11.28
C GLU A 264 9.13 13.36 10.18
N GLU A 265 8.98 13.86 8.97
CA GLU A 265 8.76 12.99 7.82
C GLU A 265 10.09 12.35 7.41
N GLN A 266 10.37 11.15 7.93
CA GLN A 266 11.65 10.48 7.64
C GLN A 266 11.50 9.28 6.73
N LEU A 267 12.39 9.18 5.75
CA LEU A 267 12.51 8.00 4.92
C LEU A 267 13.42 7.04 5.67
N VAL A 268 12.83 6.00 6.26
CA VAL A 268 13.61 5.07 7.07
C VAL A 268 13.53 3.68 6.48
N TYR A 269 14.65 2.96 6.52
CA TYR A 269 14.61 1.57 6.15
CA TYR A 269 14.64 1.54 6.17
C TYR A 269 14.22 0.76 7.41
N TRP A 270 12.96 0.36 7.45
CA TRP A 270 12.44 -0.34 8.63
C TRP A 270 12.94 -1.79 8.66
N PRO A 271 13.42 -2.26 9.83
CA PRO A 271 14.01 -3.60 9.92
C PRO A 271 13.01 -4.72 9.62
N ARG A 272 13.46 -5.76 8.93
CA ARG A 272 12.62 -6.87 8.52
C ARG A 272 12.97 -8.17 9.24
N ASP A 273 13.91 -8.10 10.17
CA ASP A 273 14.29 -9.31 10.93
C ASP A 273 13.25 -9.60 12.01
N ASN A 274 13.25 -10.84 12.50
CA ASN A 274 12.20 -11.30 13.39
C ASN A 274 12.23 -10.70 14.78
N LYS A 275 13.35 -10.09 15.15
CA LYS A 275 13.41 -9.40 16.44
C LYS A 275 12.79 -8.01 16.39
N LEU A 276 13.08 -7.27 15.33
CA LEU A 276 12.72 -5.84 15.25
C LEU A 276 11.58 -5.46 14.30
N LYS A 277 11.07 -6.39 13.50
CA LYS A 277 10.12 -6.00 12.45
C LYS A 277 8.82 -5.43 13.01
N ASN A 278 8.46 -5.82 14.23
CA ASN A 278 7.28 -5.24 14.84
C ASN A 278 7.53 -3.94 15.58
N SER A 279 8.74 -3.40 15.48
CA SER A 279 9.01 -2.06 15.96
C SER A 279 7.98 -1.14 15.33
N GLN A 280 7.38 -0.26 16.14
CA GLN A 280 6.23 0.52 15.71
C GLN A 280 6.30 1.90 16.34
N ILE A 281 6.16 2.94 15.52
CA ILE A 281 6.22 4.30 16.05
C ILE A 281 5.04 4.51 16.98
N SER A 282 5.33 4.87 18.22
CA SER A 282 4.35 4.70 19.30
C SER A 282 3.86 6.00 19.93
N GLY A 283 4.43 7.12 19.52
CA GLY A 283 4.04 8.39 20.09
C GLY A 283 3.54 9.43 19.10
N SER A 284 3.37 9.02 17.84
CA SER A 284 2.95 9.92 16.75
C SER A 284 1.45 9.85 16.49
N ALA A 285 0.88 10.97 16.09
CA ALA A 285 -0.49 10.97 15.59
C ALA A 285 -0.45 10.51 14.13
N SER A 286 -1.58 10.07 13.59
CA SER A 286 -1.59 9.59 12.21
C SER A 286 -2.96 9.69 11.53
N PHE A 287 -2.96 9.57 10.21
CA PHE A 287 -4.18 9.43 9.41
C PHE A 287 -4.12 8.04 8.77
N ILE A 288 -5.27 7.45 8.46
CA ILE A 288 -5.25 6.11 7.86
C ILE A 288 -6.56 5.82 7.14
N ASP A 289 -6.47 5.15 5.99
CA ASP A 289 -7.62 4.74 5.19
C ASP A 289 -8.40 5.91 4.60
N SER A 290 -8.01 6.37 3.41
CA SER A 290 -8.66 7.50 2.78
C SER A 290 -9.67 7.05 1.73
N SER A 291 -10.54 7.99 1.34
CA SER A 291 -11.59 7.72 0.36
C SER A 291 -11.91 9.05 -0.27
N ILE A 292 -12.22 9.05 -1.57
CA ILE A 292 -12.41 10.28 -2.34
C ILE A 292 -13.78 10.31 -3.02
N VAL A 293 -14.38 11.49 -3.15
CA VAL A 293 -15.55 11.67 -3.98
C VAL A 293 -15.54 13.06 -4.61
N GLU A 294 -16.23 13.23 -5.72
CA GLU A 294 -16.37 14.56 -6.34
C GLU A 294 -17.80 15.03 -6.20
N ASP A 295 -17.97 16.30 -5.84
CA ASP A 295 -19.31 16.87 -5.63
C ASP A 295 -19.74 17.69 -6.84
N LYS A 296 -20.88 17.35 -7.44
CA LYS A 296 -21.42 18.06 -8.59
C LYS A 296 -21.77 19.51 -8.26
N LYS A 297 -22.44 19.70 -7.13
CA LYS A 297 -22.93 21.01 -6.70
C LYS A 297 -21.83 22.08 -6.59
N SER A 298 -20.86 21.85 -5.71
CA SER A 298 -19.80 22.83 -5.46
C SER A 298 -18.64 22.68 -6.44
N GLY A 299 -18.56 21.53 -7.11
CA GLY A 299 -17.42 21.22 -7.96
C GLY A 299 -16.19 20.76 -7.18
N LYS A 300 -16.31 20.74 -5.85
CA LYS A 300 -15.18 20.40 -4.98
C LYS A 300 -14.88 18.91 -4.98
N THR A 301 -13.60 18.58 -4.76
CA THR A 301 -13.22 17.20 -4.48
C THR A 301 -13.18 17.06 -2.96
N ILE A 302 -13.70 15.95 -2.45
CA ILE A 302 -13.80 15.75 -1.01
C ILE A 302 -13.07 14.46 -0.64
N LEU A 303 -12.23 14.53 0.39
CA LEU A 303 -11.45 13.39 0.85
C LEU A 303 -11.67 13.20 2.34
N LEU A 304 -12.02 11.99 2.73
CA LEU A 304 -12.12 11.63 4.14
C LEU A 304 -11.02 10.64 4.49
N ALA A 305 -10.65 10.56 5.77
CA ALA A 305 -9.73 9.52 6.26
C ALA A 305 -9.93 9.38 7.75
N ASP A 306 -9.51 8.27 8.34
CA ASP A 306 -9.53 8.14 9.80
C ASP A 306 -8.42 8.99 10.39
N VAL A 307 -8.64 9.49 11.61
CA VAL A 307 -7.60 10.25 12.31
C VAL A 307 -7.33 9.57 13.64
N MET A 308 -6.05 9.34 13.92
CA MET A 308 -5.64 8.71 15.17
C MET A 308 -4.77 9.67 15.94
N PRO A 309 -5.10 9.91 17.22
CA PRO A 309 -4.27 10.77 18.08
C PRO A 309 -2.98 10.04 18.40
N ALA A 310 -2.06 10.75 19.03
CA ALA A 310 -0.71 10.24 19.28
C ALA A 310 -0.75 8.87 19.94
N GLY A 311 -0.06 7.92 19.34
CA GLY A 311 0.07 6.58 19.90
C GLY A 311 -1.18 5.70 19.80
N ILE A 312 -2.17 6.15 19.05
CA ILE A 312 -3.45 5.42 18.96
C ILE A 312 -3.63 4.75 17.61
N GLY A 313 -4.25 3.57 17.64
CA GLY A 313 -4.61 2.82 16.44
C GLY A 313 -5.88 2.04 16.76
N ASN A 314 -6.37 1.25 15.81
CA ASN A 314 -7.62 0.54 16.06
C ASN A 314 -7.51 -0.41 17.26
N ASN A 315 -6.30 -0.90 17.53
CA ASN A 315 -6.09 -1.87 18.61
C ASN A 315 -6.31 -1.31 20.02
N ASN A 316 -5.96 -0.04 20.21
CA ASN A 316 -6.05 0.53 21.56
C ASN A 316 -6.98 1.74 21.66
N ALA A 317 -7.68 2.04 20.58
CA ALA A 317 -8.64 3.13 20.56
C ALA A 317 -9.74 2.82 21.57
N ASN A 318 -10.14 3.81 22.35
CA ASN A 318 -11.22 3.61 23.32
C ASN A 318 -12.54 3.35 22.59
N LYS A 319 -13.02 2.11 22.65
CA LYS A 319 -14.25 1.72 21.95
C LYS A 319 -15.52 2.32 22.57
N ALA A 320 -15.42 2.78 23.82
CA ALA A 320 -16.60 3.28 24.54
C ALA A 320 -16.66 4.80 24.68
N ASP A 321 -15.94 5.53 23.83
CA ASP A 321 -15.94 6.99 23.89
C ASP A 321 -15.79 7.56 22.50
N SER A 322 -16.74 8.43 22.10
CA SER A 322 -16.70 9.10 20.80
C SER A 322 -15.68 10.24 20.80
N GLY A 323 -15.30 10.71 21.98
CA GLY A 323 -14.41 11.86 22.09
C GLY A 323 -15.16 13.18 22.02
N PHE A 324 -16.48 13.12 21.95
CA PHE A 324 -17.31 14.32 21.94
C PHE A 324 -18.29 14.30 23.10
N LYS A 325 -18.66 15.49 23.57
CA LYS A 325 -19.69 15.62 24.61
C LYS A 325 -20.96 16.16 23.97
N GLU A 326 -22.11 15.54 24.28
CA GLU A 326 -23.38 16.09 23.82
C GLU A 326 -23.85 17.15 24.79
N ILE A 327 -24.11 18.34 24.26
CA ILE A 327 -24.70 19.42 25.05
C ILE A 327 -25.75 20.09 24.16
N ASN A 328 -26.99 19.61 24.27
CA ASN A 328 -28.18 20.15 23.56
C ASN A 328 -28.39 19.69 22.12
N GLY A 329 -28.06 18.44 21.83
CA GLY A 329 -28.21 17.95 20.47
C GLY A 329 -27.04 18.39 19.61
N HIS A 330 -26.08 19.04 20.26
CA HIS A 330 -24.84 19.44 19.62
C HIS A 330 -23.66 18.68 20.22
N TYR A 331 -22.64 18.41 19.41
CA TYR A 331 -21.47 17.66 19.87
C TYR A 331 -20.22 18.53 19.88
N TYR A 332 -19.49 18.51 20.98
CA TYR A 332 -18.27 19.29 21.12
C TYR A 332 -17.09 18.41 21.48
N LEU A 333 -15.97 18.63 20.80
CA LEU A 333 -14.75 17.85 21.03
C LEU A 333 -14.27 18.06 22.45
N LYS A 334 -14.05 16.96 23.17
CA LYS A 334 -13.55 17.05 24.54
C LYS A 334 -12.03 17.17 24.58
N LEU A 335 -11.51 17.84 25.61
CA LEU A 335 -10.07 18.02 25.76
C LEU A 335 -9.65 17.78 27.22
N LYS A 336 -8.45 17.24 27.40
CA LYS A 336 -7.86 17.08 28.72
C LYS A 336 -6.61 17.97 28.81
N LYS A 337 -6.51 18.76 29.87
CA LYS A 337 -5.38 19.66 30.06
C LYS A 337 -4.28 18.97 30.88
N ASN A 338 -3.03 19.30 30.56
CA ASN A 338 -1.86 18.78 31.27
C ASN A 338 -2.05 18.79 32.78
N GLY A 339 -2.09 17.61 33.38
CA GLY A 339 -2.18 17.50 34.83
C GLY A 339 -3.51 17.00 35.35
N ASP A 340 -4.58 17.17 34.57
CA ASP A 340 -5.90 16.71 34.96
C ASP A 340 -6.05 15.20 34.73
N ASN A 341 -6.92 14.58 35.54
CA ASN A 341 -7.16 13.14 35.42
C ASN A 341 -8.38 12.84 34.55
N ASP A 342 -9.19 13.86 34.28
CA ASP A 342 -10.34 13.69 33.42
C ASP A 342 -10.38 14.76 32.33
N PHE A 343 -11.33 14.64 31.41
CA PHE A 343 -11.50 15.61 30.35
C PHE A 343 -12.44 16.72 30.82
N ARG A 344 -11.89 17.84 31.26
CA ARG A 344 -12.72 18.89 31.85
C ARG A 344 -12.97 20.05 30.89
N TYR A 345 -12.64 19.85 29.62
CA TYR A 345 -12.77 20.92 28.63
C TYR A 345 -13.48 20.47 27.35
N THR A 346 -14.01 21.44 26.62
CA THR A 346 -14.61 21.21 25.32
C THR A 346 -14.21 22.33 24.38
N VAL A 347 -14.27 22.05 23.08
CA VAL A 347 -14.05 23.05 22.04
C VAL A 347 -15.43 23.45 21.55
N ARG A 348 -15.77 24.74 21.66
CA ARG A 348 -17.09 25.20 21.24
C ARG A 348 -16.98 25.99 19.95
N GLU A 349 -18.04 26.75 19.66
CA GLU A 349 -18.09 27.54 18.44
C GLU A 349 -16.92 28.53 18.35
N ASN A 350 -16.39 28.69 17.14
CA ASN A 350 -15.25 29.56 16.88
C ASN A 350 -13.98 29.10 17.62
N GLY A 351 -13.96 27.83 18.01
CA GLY A 351 -12.78 27.22 18.56
C GLY A 351 -12.45 27.59 20.00
N VAL A 352 -13.40 28.19 20.71
CA VAL A 352 -13.18 28.59 22.10
C VAL A 352 -13.10 27.37 23.03
N VAL A 353 -11.99 27.27 23.74
CA VAL A 353 -11.85 26.20 24.71
C VAL A 353 -12.61 26.54 25.98
N TYR A 354 -13.59 25.71 26.32
CA TYR A 354 -14.47 25.95 27.45
C TYR A 354 -14.15 25.01 28.60
N ASN A 355 -14.27 25.53 29.82
CA ASN A 355 -14.07 24.74 31.03
C ASN A 355 -15.39 24.15 31.51
N GLU A 356 -15.53 22.83 31.48
CA GLU A 356 -16.79 22.19 31.84
C GLU A 356 -17.13 22.20 33.33
N THR A 357 -16.11 22.31 34.17
CA THR A 357 -16.33 22.26 35.63
C THR A 357 -16.89 23.59 36.17
N THR A 358 -16.77 24.64 35.35
CA THR A 358 -17.20 25.98 35.74
C THR A 358 -18.02 26.66 34.64
N ASN A 359 -18.26 25.94 33.56
CA ASN A 359 -18.80 26.49 32.29
C ASN A 359 -18.28 27.88 31.92
N LYS A 360 -17.00 28.10 32.17
CA LYS A 360 -16.33 29.33 31.77
C LYS A 360 -15.50 29.09 30.51
N PRO A 361 -15.42 30.11 29.64
CA PRO A 361 -14.45 30.03 28.54
C PRO A 361 -13.05 30.30 29.11
N THR A 362 -12.02 29.80 28.43
CA THR A 362 -10.65 30.00 28.88
C THR A 362 -9.98 31.02 27.99
N ASN A 363 -8.70 31.25 28.20
CA ASN A 363 -7.96 32.11 27.29
C ASN A 363 -7.37 31.31 26.13
N TYR A 364 -7.83 30.07 25.97
CA TYR A 364 -7.34 29.21 24.90
C TYR A 364 -8.36 29.04 23.78
N THR A 365 -7.86 29.01 22.55
CA THR A 365 -8.67 28.68 21.38
C THR A 365 -8.00 27.60 20.53
N ILE A 366 -8.82 26.90 19.74
CA ILE A 366 -8.32 25.93 18.78
C ILE A 366 -8.53 26.50 17.38
N ASN A 367 -7.47 26.64 16.60
CA ASN A 367 -7.65 27.17 15.25
C ASN A 367 -8.18 26.11 14.27
N ASP A 368 -8.25 26.47 12.99
CA ASP A 368 -8.79 25.54 11.99
C ASP A 368 -7.90 24.32 11.76
N LYS A 369 -6.63 24.42 12.14
CA LYS A 369 -5.70 23.31 11.99
C LYS A 369 -5.62 22.48 13.28
N TYR A 370 -6.62 22.65 14.15
CA TYR A 370 -6.63 22.01 15.46
C TYR A 370 -5.37 22.29 16.27
N GLU A 371 -4.82 23.48 16.05
CA GLU A 371 -3.67 23.94 16.82
C GLU A 371 -4.11 24.81 17.98
N VAL A 372 -3.34 24.78 19.06
CA VAL A 372 -3.68 25.47 20.29
C VAL A 372 -3.13 26.91 20.31
N LEU A 373 -4.01 27.85 20.61
CA LEU A 373 -3.63 29.26 20.74
C LEU A 373 -3.89 29.70 22.17
N GLU A 374 -2.98 30.49 22.74
CA GLU A 374 -3.25 31.14 24.02
C GLU A 374 -3.26 32.66 23.81
N GLY A 375 -4.41 33.28 24.03
CA GLY A 375 -4.55 34.71 23.79
C GLY A 375 -4.27 35.07 22.34
N GLY A 376 -4.61 34.16 21.43
CA GLY A 376 -4.39 34.40 20.01
C GLY A 376 -2.98 34.12 19.53
N LYS A 377 -2.11 33.70 20.44
CA LYS A 377 -0.73 33.38 20.09
C LYS A 377 -0.52 31.87 19.98
N SER A 378 0.24 31.46 18.97
CA SER A 378 0.51 30.05 18.69
C SER A 378 1.38 29.39 19.74
N LEU A 379 0.89 28.33 20.36
CA LEU A 379 1.76 27.51 21.20
C LEU A 379 2.47 26.50 20.31
N THR A 380 3.62 26.00 20.77
CA THR A 380 4.40 25.04 19.99
C THR A 380 4.81 23.84 20.84
N VAL A 381 5.23 22.77 20.18
CA VAL A 381 5.84 21.64 20.87
C VAL A 381 7.09 21.28 20.11
N GLU A 382 7.98 20.52 20.75
CA GLU A 382 9.17 20.07 20.07
C GLU A 382 8.87 18.78 19.31
N GLN A 383 9.33 18.71 18.07
CA GLN A 383 9.11 17.57 17.18
C GLN A 383 9.97 16.38 17.57
N TYR A 384 9.51 15.17 17.22
CA TYR A 384 10.30 13.95 17.42
C TYR A 384 10.84 13.41 16.10
N SER A 385 11.99 12.72 16.17
CA SER A 385 12.50 11.91 15.07
C SER A 385 12.72 10.48 15.59
N VAL A 386 12.80 9.51 14.68
CA VAL A 386 13.03 8.13 15.09
C VAL A 386 14.36 7.65 14.54
N ASP A 387 14.98 6.67 15.21
CA ASP A 387 16.22 6.05 14.73
C ASP A 387 16.41 4.67 15.35
N PHE A 388 17.20 3.83 14.68
CA PHE A 388 17.55 2.52 15.21
C PHE A 388 19.05 2.41 15.53
N ASP A 389 19.68 3.56 15.79
CA ASP A 389 21.12 3.60 16.06
C ASP A 389 21.54 2.82 17.32
N SER A 390 20.64 2.75 18.29
CA SER A 390 20.91 2.06 19.54
C SER A 390 20.71 0.56 19.40
N GLY A 391 20.17 0.12 18.26
CA GLY A 391 19.87 -1.28 18.06
C GLY A 391 18.40 -1.63 18.25
N SER A 392 17.62 -0.66 18.73
CA SER A 392 16.17 -0.81 18.79
C SER A 392 15.54 0.55 18.50
N LEU A 393 14.23 0.61 18.34
CA LEU A 393 13.60 1.87 17.93
C LEU A 393 13.65 2.90 19.06
N ARG A 394 14.10 4.10 18.73
CA ARG A 394 14.07 5.19 19.68
C ARG A 394 13.30 6.36 19.10
N GLU A 395 12.49 7.02 19.92
CA GLU A 395 11.76 8.20 19.49
C GLU A 395 12.13 9.37 20.39
N ARG A 396 12.78 10.38 19.85
CA ARG A 396 13.33 11.45 20.68
C ARG A 396 13.22 12.82 20.06
N HIS A 397 13.14 13.84 20.92
CA HIS A 397 13.04 15.23 20.48
C HIS A 397 14.21 15.67 19.60
N ASN A 398 13.93 16.46 18.57
CA ASN A 398 14.96 16.79 17.59
C ASN A 398 15.36 18.26 17.50
N GLY A 399 14.88 19.08 18.45
CA GLY A 399 15.24 20.48 18.51
C GLY A 399 14.33 21.43 17.74
N LYS A 400 13.46 20.87 16.91
CA LYS A 400 12.58 21.69 16.08
C LYS A 400 11.21 21.93 16.72
N GLN A 401 10.73 23.17 16.68
CA GLN A 401 9.40 23.48 17.23
C GLN A 401 8.37 23.49 16.10
N VAL A 402 7.19 22.95 16.39
CA VAL A 402 6.09 22.92 15.42
C VAL A 402 4.83 23.35 16.16
N PRO A 403 3.80 23.80 15.42
CA PRO A 403 2.58 24.25 16.11
C PRO A 403 1.98 23.17 16.99
N MET A 404 1.53 23.54 18.19
CA MET A 404 0.94 22.58 19.12
C MET A 404 -0.47 22.13 18.68
N ASN A 405 -0.64 20.83 18.44
CA ASN A 405 -1.90 20.30 17.95
C ASN A 405 -2.55 19.40 18.99
N VAL A 406 -3.87 19.49 19.16
CA VAL A 406 -4.55 18.70 20.18
C VAL A 406 -4.48 17.17 19.96
N PHE A 407 -3.99 16.77 18.79
CA PHE A 407 -3.81 15.34 18.50
C PHE A 407 -2.41 14.84 18.87
N TYR A 408 -1.59 15.75 19.39
CA TYR A 408 -0.19 15.44 19.71
C TYR A 408 0.03 14.94 21.14
N LYS A 409 1.06 14.11 21.33
CA LYS A 409 1.43 13.64 22.66
C LYS A 409 1.86 14.77 23.59
N ASP A 410 2.58 15.75 23.06
CA ASP A 410 3.18 16.81 23.87
C ASP A 410 2.27 18.03 24.06
N SER A 411 1.02 17.92 23.60
CA SER A 411 0.10 19.06 23.69
C SER A 411 -0.42 19.36 25.11
N LEU A 412 -0.60 20.65 25.37
CA LEU A 412 -1.21 21.15 26.61
C LEU A 412 -2.65 20.64 26.74
N PHE A 413 -3.37 20.63 25.62
CA PHE A 413 -4.72 20.07 25.57
C PHE A 413 -4.73 18.90 24.59
N LYS A 414 -5.31 17.78 25.02
CA LYS A 414 -5.25 16.54 24.25
C LYS A 414 -6.65 15.96 24.06
N VAL A 415 -6.91 15.40 22.87
CA VAL A 415 -8.22 14.81 22.63
C VAL A 415 -8.31 13.44 23.27
N THR A 416 -9.51 12.88 23.26
CA THR A 416 -9.74 11.52 23.74
C THR A 416 -8.97 10.53 22.87
N PRO A 417 -8.28 9.54 23.50
CA PRO A 417 -7.51 8.56 22.73
C PRO A 417 -8.43 7.54 22.07
N THR A 418 -9.09 7.95 21.00
CA THR A 418 -9.97 7.09 20.22
C THR A 418 -9.83 7.46 18.74
N ASN A 419 -10.52 6.76 17.85
CA ASN A 419 -10.42 7.05 16.41
C ASN A 419 -11.51 7.99 15.94
N TYR A 420 -11.19 8.85 14.98
CA TYR A 420 -12.12 9.85 14.44
C TYR A 420 -12.17 9.73 12.93
N ILE A 421 -13.09 10.45 12.30
CA ILE A 421 -13.06 10.62 10.83
C ILE A 421 -12.93 12.10 10.55
N ALA A 422 -12.05 12.46 9.62
CA ALA A 422 -11.91 13.85 9.20
C ALA A 422 -12.24 13.95 7.72
N MET A 423 -12.54 15.18 7.28
CA MET A 423 -12.68 15.43 5.85
C MET A 423 -11.87 16.67 5.48
N THR A 424 -11.36 16.69 4.25
CA THR A 424 -10.76 17.90 3.70
C THR A 424 -11.34 18.07 2.30
N THR A 425 -11.21 19.26 1.73
CA THR A 425 -11.75 19.51 0.40
C THR A 425 -10.70 20.22 -0.48
N SER A 426 -10.84 20.06 -1.79
CA SER A 426 -9.97 20.78 -2.71
C SER A 426 -10.83 21.55 -3.70
N GLN A 427 -10.45 22.80 -3.97
CA GLN A 427 -11.15 23.66 -4.92
C GLN A 427 -10.49 23.63 -6.29
N ASN A 428 -9.36 22.92 -6.39
CA ASN A 428 -8.60 22.90 -7.64
C ASN A 428 -8.25 21.49 -8.06
N ARG A 429 -9.15 20.55 -7.77
CA ARG A 429 -8.99 19.16 -8.19
C ARG A 429 -7.67 18.53 -7.75
N GLY A 430 -7.30 18.75 -6.49
CA GLY A 430 -6.15 18.06 -5.92
C GLY A 430 -4.81 18.76 -6.02
N GLU A 431 -4.82 20.03 -6.40
CA GLU A 431 -3.59 20.81 -6.44
C GLU A 431 -3.23 21.33 -5.04
N SER A 432 -4.25 21.51 -4.21
CA SER A 432 -4.06 21.86 -2.81
C SER A 432 -5.30 21.40 -2.05
N TRP A 433 -5.11 21.12 -0.76
CA TRP A 433 -6.18 20.65 0.09
C TRP A 433 -6.36 21.59 1.27
N GLU A 434 -7.60 21.83 1.66
CA GLU A 434 -7.90 22.62 2.84
C GLU A 434 -7.46 21.92 4.11
N GLN A 435 -7.54 22.65 5.22
CA GLN A 435 -7.35 22.05 6.54
C GLN A 435 -8.54 21.14 6.84
N PHE A 436 -8.25 20.00 7.45
CA PHE A 436 -9.28 19.00 7.71
C PHE A 436 -10.24 19.41 8.82
N LYS A 437 -11.49 18.97 8.73
CA LYS A 437 -12.43 19.11 9.84
C LYS A 437 -12.91 17.73 10.27
N LEU A 438 -13.13 17.56 11.58
CA LEU A 438 -13.62 16.29 12.08
C LEU A 438 -15.11 16.16 11.78
N LEU A 439 -15.55 14.96 11.40
CA LEU A 439 -16.99 14.68 11.29
C LEU A 439 -17.54 14.46 12.69
N PRO A 440 -18.84 14.70 12.87
CA PRO A 440 -19.44 14.47 14.19
C PRO A 440 -19.58 12.98 14.49
N PRO A 441 -19.86 12.62 15.74
CA PRO A 441 -20.09 11.20 16.03
C PRO A 441 -21.47 10.81 15.52
N PHE A 442 -21.63 9.57 15.06
CA PHE A 442 -22.90 9.14 14.49
C PHE A 442 -23.60 8.08 15.32
N LEU A 443 -22.88 7.47 16.26
CA LEU A 443 -23.44 6.39 17.06
C LEU A 443 -23.44 6.74 18.56
N GLY A 444 -23.60 8.02 18.87
CA GLY A 444 -23.70 8.44 20.26
C GLY A 444 -22.40 8.75 20.98
N GLU A 445 -22.53 9.33 22.17
CA GLU A 445 -21.39 9.75 22.97
C GLU A 445 -20.41 8.64 23.30
N LYS A 446 -20.95 7.46 23.59
CA LYS A 446 -20.16 6.39 24.17
C LYS A 446 -19.80 5.26 23.19
N HIS A 447 -19.65 5.63 21.92
CA HIS A 447 -19.22 4.67 20.89
C HIS A 447 -18.11 5.33 20.08
N ASN A 448 -16.99 4.64 19.90
CA ASN A 448 -15.89 5.19 19.11
C ASN A 448 -16.32 5.41 17.66
N GLY A 449 -15.50 6.10 16.89
CA GLY A 449 -15.84 6.42 15.52
C GLY A 449 -15.97 5.15 14.70
N THR A 450 -16.73 5.24 13.62
CA THR A 450 -16.74 4.16 12.64
C THR A 450 -15.46 4.23 11.85
N TYR A 451 -15.19 3.18 11.08
CA TYR A 451 -13.98 3.13 10.29
C TYR A 451 -14.31 3.36 8.83
N LEU A 452 -13.64 4.35 8.23
CA LEU A 452 -13.88 4.68 6.83
C LEU A 452 -13.45 3.53 5.93
N CYS A 453 -14.27 3.24 4.93
CA CYS A 453 -13.93 2.22 3.94
C CYS A 453 -13.07 2.89 2.89
N PRO A 454 -11.84 2.41 2.73
CA PRO A 454 -10.95 3.07 1.78
C PRO A 454 -11.40 2.87 0.33
N GLY A 455 -11.11 3.87 -0.50
CA GLY A 455 -11.41 3.80 -1.91
C GLY A 455 -12.14 5.03 -2.39
N GLN A 456 -13.35 4.81 -2.91
CA GLN A 456 -14.14 5.89 -3.44
C GLN A 456 -15.38 6.08 -2.58
N GLY A 457 -15.82 7.33 -2.46
CA GLY A 457 -17.18 7.59 -2.01
C GLY A 457 -18.04 7.51 -3.26
N LEU A 458 -19.34 7.70 -3.11
CA LEU A 458 -20.24 7.58 -4.25
C LEU A 458 -21.02 8.86 -4.46
N ALA A 459 -20.97 9.38 -5.69
CA ALA A 459 -21.82 10.51 -6.08
C ALA A 459 -22.94 9.97 -6.95
N LEU A 460 -24.19 10.18 -6.55
CA LEU A 460 -25.31 9.62 -7.30
C LEU A 460 -25.55 10.39 -8.60
N LYS A 461 -25.95 9.68 -9.66
CA LYS A 461 -26.10 10.31 -10.99
C LYS A 461 -27.11 11.45 -11.00
N SER A 462 -28.26 11.24 -10.37
CA SER A 462 -29.39 12.15 -10.53
C SER A 462 -29.62 13.15 -9.41
N SER A 463 -28.69 13.25 -8.48
CA SER A 463 -28.84 14.21 -7.39
C SER A 463 -27.48 14.69 -6.94
N ASN A 464 -27.47 15.56 -5.93
CA ASN A 464 -26.21 15.99 -5.35
C ASN A 464 -25.83 15.17 -4.12
N ARG A 465 -26.48 14.02 -3.93
CA ARG A 465 -26.18 13.18 -2.77
C ARG A 465 -24.79 12.56 -2.83
N LEU A 466 -24.07 12.60 -1.70
CA LEU A 466 -22.75 11.99 -1.57
C LEU A 466 -22.81 10.95 -0.46
N ILE A 467 -22.24 9.78 -0.71
CA ILE A 467 -22.23 8.71 0.30
C ILE A 467 -20.81 8.16 0.50
N PHE A 468 -20.44 7.96 1.76
CA PHE A 468 -19.19 7.31 2.09
C PHE A 468 -19.54 6.13 2.98
N ALA A 469 -19.15 4.93 2.57
CA ALA A 469 -19.35 3.74 3.41
C ALA A 469 -18.34 3.74 4.56
N THR A 470 -18.79 3.33 5.74
CA THR A 470 -17.89 3.11 6.88
C THR A 470 -18.36 1.84 7.55
N TYR A 471 -17.55 1.30 8.45
CA TYR A 471 -17.95 0.08 9.16
C TYR A 471 -17.66 0.15 10.65
N THR A 472 -18.39 -0.66 11.41
CA THR A 472 -18.11 -0.79 12.83
C THR A 472 -18.59 -2.18 13.23
N SER A 473 -18.51 -2.52 14.51
CA SER A 473 -18.94 -3.86 14.93
C SER A 473 -20.42 -4.04 14.62
N GLY A 474 -20.75 -5.07 13.86
CA GLY A 474 -22.14 -5.41 13.59
C GLY A 474 -22.90 -4.63 12.53
N GLU A 475 -22.26 -3.67 11.86
CA GLU A 475 -22.97 -2.95 10.80
C GLU A 475 -22.09 -2.20 9.83
N LEU A 476 -22.65 -1.88 8.67
CA LEU A 476 -22.10 -0.84 7.82
C LEU A 476 -22.83 0.46 8.18
N THR A 477 -22.07 1.54 8.25
CA THR A 477 -22.65 2.82 8.60
C THR A 477 -22.36 3.77 7.46
N TYR A 478 -23.36 3.98 6.60
CA TYR A 478 -23.18 4.86 5.45
C TYR A 478 -23.35 6.30 5.89
N LEU A 479 -22.41 7.15 5.49
CA LEU A 479 -22.46 8.56 5.82
C LEU A 479 -22.98 9.29 4.59
N ILE A 480 -24.06 10.04 4.76
CA ILE A 480 -24.75 10.68 3.63
C ILE A 480 -24.76 12.19 3.78
N SER A 481 -24.34 12.90 2.73
CA SER A 481 -24.45 14.36 2.70
C SER A 481 -25.17 14.80 1.43
N ASP A 482 -26.12 15.72 1.58
CA ASP A 482 -26.80 16.31 0.43
C ASP A 482 -26.36 17.76 0.21
N ASP A 483 -25.38 18.22 0.99
CA ASP A 483 -24.95 19.61 0.90
C ASP A 483 -23.44 19.78 0.82
N SER A 484 -22.80 19.04 -0.08
CA SER A 484 -21.35 19.18 -0.34
C SER A 484 -20.51 18.86 0.89
N GLY A 485 -20.99 17.96 1.74
CA GLY A 485 -20.22 17.54 2.91
C GLY A 485 -20.25 18.49 4.08
N GLN A 486 -21.13 19.47 4.02
CA GLN A 486 -21.27 20.42 5.13
C GLN A 486 -21.95 19.75 6.33
N THR A 487 -22.96 18.92 6.06
CA THR A 487 -23.62 18.16 7.12
C THR A 487 -23.81 16.72 6.69
N TRP A 488 -23.80 15.81 7.67
CA TRP A 488 -23.86 14.38 7.42
C TRP A 488 -24.90 13.72 8.32
N LYS A 489 -25.52 12.66 7.80
CA LYS A 489 -26.38 11.79 8.61
C LYS A 489 -25.98 10.36 8.30
N LYS A 490 -26.30 9.42 9.18
CA LYS A 490 -25.92 8.04 8.90
C LYS A 490 -27.11 7.22 8.47
N SER A 491 -26.81 6.16 7.74
CA SER A 491 -27.80 5.15 7.43
C SER A 491 -27.15 3.83 7.78
N SER A 492 -27.65 3.20 8.83
CA SER A 492 -27.08 1.96 9.34
C SER A 492 -27.64 0.74 8.62
N ALA A 493 -26.77 -0.24 8.37
CA ALA A 493 -27.18 -1.47 7.73
C ALA A 493 -26.54 -2.66 8.44
N SER A 494 -27.32 -3.36 9.24
CA SER A 494 -26.83 -4.50 10.01
C SER A 494 -26.19 -5.59 9.12
N ILE A 495 -25.09 -6.17 9.61
CA ILE A 495 -24.48 -7.28 8.93
C ILE A 495 -24.27 -8.42 9.94
N PRO A 496 -24.29 -9.67 9.47
CA PRO A 496 -24.28 -10.82 10.38
C PRO A 496 -22.89 -11.29 10.85
N PHE A 497 -21.94 -10.38 10.96
CA PHE A 497 -20.65 -10.70 11.56
C PHE A 497 -20.35 -9.63 12.59
N LYS A 498 -19.88 -10.04 13.77
CA LYS A 498 -19.29 -9.07 14.69
C LYS A 498 -17.81 -9.10 14.38
N ASN A 499 -17.10 -8.04 14.75
CA ASN A 499 -15.64 -8.00 14.64
C ASN A 499 -15.11 -8.11 13.20
N ALA A 500 -15.90 -7.66 12.24
CA ALA A 500 -15.48 -7.75 10.84
C ALA A 500 -14.82 -6.45 10.39
N THR A 501 -13.75 -6.58 9.60
CA THR A 501 -13.18 -5.44 8.90
C THR A 501 -14.00 -5.30 7.61
N ALA A 502 -15.20 -4.74 7.73
CA ALA A 502 -16.18 -4.83 6.66
C ALA A 502 -15.99 -3.70 5.66
N GLU A 503 -14.82 -3.67 5.03
CA GLU A 503 -14.49 -2.65 4.03
C GLU A 503 -15.42 -2.82 2.83
N ALA A 504 -16.12 -1.74 2.49
CA ALA A 504 -17.21 -1.79 1.53
C ALA A 504 -17.01 -0.75 0.44
N GLN A 505 -17.35 -1.13 -0.80
CA GLN A 505 -17.33 -0.18 -1.91
C GLN A 505 -18.63 -0.28 -2.69
N MET A 506 -19.10 0.84 -3.21
CA MET A 506 -20.42 0.92 -3.83
C MET A 506 -20.39 1.20 -5.33
N VAL A 507 -21.41 0.74 -6.04
CA VAL A 507 -21.64 1.13 -7.44
C VAL A 507 -23.11 1.50 -7.57
N GLU A 508 -23.41 2.49 -8.41
CA GLU A 508 -24.81 2.77 -8.69
C GLU A 508 -25.21 1.95 -9.93
N LEU A 509 -26.02 0.91 -9.74
CA LEU A 509 -26.45 0.02 -10.82
C LEU A 509 -27.36 0.73 -11.82
N ARG A 510 -28.32 1.47 -11.29
CA ARG A 510 -29.16 2.34 -12.09
C ARG A 510 -29.61 3.43 -11.13
N ASP A 511 -30.36 4.39 -11.62
CA ASP A 511 -30.75 5.56 -10.81
C ASP A 511 -31.33 5.23 -9.43
N GLY A 512 -30.64 5.68 -8.39
CA GLY A 512 -31.10 5.45 -7.02
C GLY A 512 -30.89 4.03 -6.51
N VAL A 513 -30.34 3.16 -7.36
CA VAL A 513 -30.05 1.79 -6.96
C VAL A 513 -28.55 1.58 -6.72
N ILE A 514 -28.19 1.30 -5.48
CA ILE A 514 -26.80 1.16 -5.06
C ILE A 514 -26.51 -0.26 -4.61
N ARG A 515 -25.49 -0.89 -5.18
CA ARG A 515 -25.04 -2.17 -4.64
C ARG A 515 -23.71 -1.96 -3.96
N THR A 516 -23.61 -2.48 -2.75
CA THR A 516 -22.38 -2.36 -1.99
C THR A 516 -21.74 -3.73 -1.90
N PHE A 517 -20.47 -3.81 -2.29
CA PHE A 517 -19.69 -5.04 -2.16
C PHE A 517 -18.72 -4.92 -0.97
N PHE A 518 -18.70 -5.91 -0.09
CA PHE A 518 -17.87 -5.79 1.10
C PHE A 518 -17.15 -7.03 1.58
N ARG A 519 -16.03 -6.76 2.27
CA ARG A 519 -15.19 -7.78 2.91
C ARG A 519 -15.90 -8.33 4.15
N THR A 520 -15.75 -9.63 4.37
CA THR A 520 -16.36 -10.28 5.52
C THR A 520 -15.35 -11.18 6.23
N THR A 521 -15.87 -12.04 7.09
CA THR A 521 -15.04 -13.00 7.82
C THR A 521 -15.39 -14.41 7.39
N THR A 522 -16.08 -14.56 6.25
CA THR A 522 -16.58 -15.87 5.82
C THR A 522 -15.81 -16.50 4.69
N GLY A 523 -14.82 -15.79 4.15
CA GLY A 523 -14.13 -16.27 2.96
C GLY A 523 -14.84 -15.91 1.66
N LYS A 524 -15.99 -15.24 1.77
CA LYS A 524 -16.70 -14.80 0.57
C LYS A 524 -16.99 -13.30 0.62
N ILE A 525 -16.93 -12.66 -0.54
CA ILE A 525 -17.32 -11.26 -0.64
C ILE A 525 -18.84 -11.20 -0.53
N ALA A 526 -19.35 -10.24 0.22
CA ALA A 526 -20.78 -10.07 0.39
C ALA A 526 -21.29 -8.83 -0.34
N TYR A 527 -22.61 -8.70 -0.42
CA TYR A 527 -23.21 -7.50 -0.99
C TYR A 527 -24.59 -7.25 -0.42
N MET A 528 -25.02 -5.99 -0.49
CA MET A 528 -26.38 -5.60 -0.13
C MET A 528 -26.80 -4.54 -1.12
N THR A 529 -28.10 -4.28 -1.20
CA THR A 529 -28.62 -3.35 -2.21
C THR A 529 -29.55 -2.33 -1.58
N SER A 530 -29.41 -1.08 -2.02
CA SER A 530 -30.36 -0.03 -1.66
C SER A 530 -31.08 0.40 -2.92
N ARG A 531 -32.36 0.72 -2.79
CA ARG A 531 -33.14 1.20 -3.93
C ARG A 531 -33.72 2.58 -3.70
N ASP A 532 -33.29 3.24 -2.63
CA ASP A 532 -33.77 4.58 -2.32
C ASP A 532 -32.60 5.51 -2.02
N SER A 533 -31.56 5.41 -2.86
CA SER A 533 -30.37 6.25 -2.75
C SER A 533 -29.72 6.18 -1.37
N GLY A 534 -29.67 4.99 -0.79
CA GLY A 534 -28.95 4.77 0.46
C GLY A 534 -29.75 4.95 1.74
N GLU A 535 -31.04 5.21 1.62
CA GLU A 535 -31.89 5.38 2.81
C GLU A 535 -32.09 4.07 3.55
N THR A 536 -32.41 3.02 2.80
CA THR A 536 -32.66 1.70 3.38
C THR A 536 -31.85 0.65 2.63
N TRP A 537 -31.55 -0.46 3.30
CA TRP A 537 -30.67 -1.49 2.75
C TRP A 537 -31.26 -2.88 2.87
N SER A 538 -30.94 -3.74 1.90
CA SER A 538 -31.43 -5.11 1.86
C SER A 538 -30.66 -6.02 2.79
N LYS A 539 -31.11 -7.27 2.88
CA LYS A 539 -30.36 -8.35 3.52
C LYS A 539 -29.02 -8.54 2.81
N VAL A 540 -28.11 -9.24 3.46
CA VAL A 540 -26.78 -9.50 2.89
C VAL A 540 -26.74 -10.79 2.07
N SER A 541 -26.20 -10.74 0.86
CA SER A 541 -25.99 -11.93 0.06
C SER A 541 -24.48 -12.11 -0.14
N TYR A 542 -24.10 -13.22 -0.74
CA TYR A 542 -22.68 -13.48 -0.96
C TYR A 542 -22.43 -13.83 -2.41
N ILE A 543 -21.23 -13.47 -2.87
CA ILE A 543 -20.78 -13.89 -4.18
C ILE A 543 -20.05 -15.22 -4.07
N ASP A 544 -20.52 -16.23 -4.78
CA ASP A 544 -19.71 -17.42 -4.96
C ASP A 544 -18.99 -17.27 -6.29
N GLY A 545 -17.85 -17.91 -6.42
CA GLY A 545 -17.06 -17.79 -7.63
C GLY A 545 -15.79 -16.99 -7.39
N ILE A 546 -15.73 -16.31 -6.24
CA ILE A 546 -14.50 -15.65 -5.81
C ILE A 546 -14.23 -16.08 -4.37
N GLN A 547 -12.99 -16.45 -4.10
CA GLN A 547 -12.60 -16.83 -2.74
C GLN A 547 -11.70 -15.77 -2.09
N GLN A 548 -11.94 -15.50 -0.82
CA GLN A 548 -11.02 -14.68 -0.04
C GLN A 548 -10.58 -15.53 1.14
N THR A 549 -9.61 -15.03 1.89
CA THR A 549 -9.20 -15.66 3.13
C THR A 549 -10.24 -15.42 4.20
N SER A 550 -10.08 -16.11 5.33
CA SER A 550 -10.97 -15.94 6.47
C SER A 550 -10.97 -14.50 6.97
N TYR A 551 -9.81 -13.83 6.90
CA TYR A 551 -9.74 -12.45 7.37
C TYR A 551 -10.15 -11.46 6.27
N GLY A 552 -10.01 -11.86 5.02
CA GLY A 552 -10.52 -11.08 3.91
C GLY A 552 -9.60 -9.94 3.49
N THR A 553 -9.99 -9.28 2.39
CA THR A 553 -9.22 -8.19 1.81
C THR A 553 -10.19 -7.18 1.23
N GLN A 554 -9.83 -5.90 1.27
CA GLN A 554 -10.56 -4.86 0.56
C GLN A 554 -10.88 -5.31 -0.87
N VAL A 555 -12.11 -5.02 -1.31
CA VAL A 555 -12.54 -5.25 -2.68
C VAL A 555 -12.92 -3.90 -3.31
N SER A 556 -12.38 -3.60 -4.48
CA SER A 556 -12.76 -2.35 -5.14
C SER A 556 -13.75 -2.68 -6.25
N ALA A 557 -14.62 -1.72 -6.58
CA ALA A 557 -15.74 -2.00 -7.48
C ALA A 557 -16.15 -0.75 -8.26
N ILE A 558 -16.40 -0.89 -9.56
CA ILE A 558 -16.91 0.22 -10.34
C ILE A 558 -18.01 -0.25 -11.27
N LYS A 559 -18.85 0.70 -11.68
CA LYS A 559 -19.81 0.45 -12.73
C LYS A 559 -19.19 0.99 -14.03
N TYR A 560 -19.00 0.13 -15.01
CA TYR A 560 -18.38 0.53 -16.28
C TYR A 560 -19.38 1.36 -17.10
N SER A 561 -18.91 2.43 -17.75
CA SER A 561 -19.83 3.31 -18.45
C SER A 561 -20.36 2.73 -19.77
N GLN A 562 -19.67 1.72 -20.29
CA GLN A 562 -20.02 1.15 -21.59
C GLN A 562 -20.63 -0.24 -21.45
N LEU A 563 -21.44 -0.63 -22.43
CA LEU A 563 -22.00 -1.97 -22.45
C LEU A 563 -20.92 -3.00 -22.79
N ILE A 564 -21.05 -4.19 -22.22
CA ILE A 564 -20.18 -5.31 -22.56
C ILE A 564 -21.10 -6.47 -22.90
N ASP A 565 -20.88 -7.10 -24.05
CA ASP A 565 -21.78 -8.17 -24.52
C ASP A 565 -23.23 -7.69 -24.52
N GLY A 566 -23.42 -6.40 -24.76
CA GLY A 566 -24.73 -5.80 -24.82
C GLY A 566 -25.39 -5.51 -23.49
N LYS A 567 -24.64 -5.69 -22.40
CA LYS A 567 -25.20 -5.52 -21.06
C LYS A 567 -24.43 -4.52 -20.21
N GLU A 568 -25.09 -4.01 -19.18
CA GLU A 568 -24.46 -3.15 -18.18
C GLU A 568 -23.48 -4.01 -17.38
N ALA A 569 -22.33 -3.44 -17.04
CA ALA A 569 -21.25 -4.24 -16.46
C ALA A 569 -20.69 -3.60 -15.20
N VAL A 570 -20.39 -4.46 -14.23
CA VAL A 570 -19.74 -4.07 -12.98
C VAL A 570 -18.38 -4.79 -12.99
N ILE A 571 -17.33 -4.09 -12.54
CA ILE A 571 -16.01 -4.69 -12.44
C ILE A 571 -15.52 -4.69 -10.99
N LEU A 572 -15.12 -5.86 -10.49
CA LEU A 572 -14.58 -6.00 -9.14
C LEU A 572 -13.08 -6.26 -9.22
N SER A 573 -12.33 -5.77 -8.23
CA SER A 573 -10.89 -6.05 -8.11
C SER A 573 -10.63 -6.60 -6.73
N THR A 574 -9.96 -7.75 -6.65
CA THR A 574 -9.76 -8.44 -5.39
C THR A 574 -8.75 -9.58 -5.57
N PRO A 575 -8.07 -10.00 -4.49
CA PRO A 575 -7.39 -11.27 -4.62
C PRO A 575 -8.43 -12.38 -4.75
N ASN A 576 -8.10 -13.46 -5.45
CA ASN A 576 -8.97 -14.62 -5.51
C ASN A 576 -8.19 -15.82 -5.00
N SER A 577 -8.30 -16.06 -3.69
CA SER A 577 -7.46 -17.05 -3.02
C SER A 577 -7.98 -17.31 -1.61
N ARG A 578 -8.02 -18.59 -1.21
CA ARG A 578 -8.41 -18.97 0.14
C ARG A 578 -7.23 -18.95 1.11
N SER A 579 -6.02 -18.79 0.59
CA SER A 579 -4.80 -18.97 1.37
C SER A 579 -4.14 -17.67 1.84
N GLY A 580 -3.96 -16.73 0.92
CA GLY A 580 -3.32 -15.46 1.26
C GLY A 580 -3.81 -14.31 0.37
N ARG A 581 -3.12 -13.18 0.42
CA ARG A 581 -3.48 -12.07 -0.46
C ARG A 581 -2.63 -12.19 -1.71
N LYS A 582 -3.13 -13.00 -2.64
CA LYS A 582 -2.45 -13.29 -3.90
C LYS A 582 -3.49 -13.68 -4.93
N GLY A 583 -3.06 -13.93 -6.15
CA GLY A 583 -3.98 -14.30 -7.21
C GLY A 583 -4.93 -13.17 -7.54
N GLY A 584 -4.40 -11.99 -7.80
CA GLY A 584 -5.22 -10.84 -8.10
C GLY A 584 -6.05 -11.01 -9.37
N GLN A 585 -7.31 -10.59 -9.30
CA GLN A 585 -8.17 -10.65 -10.47
C GLN A 585 -9.04 -9.40 -10.62
N LEU A 586 -9.36 -9.06 -11.86
CA LEU A 586 -10.51 -8.20 -12.12
C LEU A 586 -11.61 -9.19 -12.53
N VAL A 587 -12.82 -9.01 -12.00
CA VAL A 587 -13.93 -9.90 -12.32
C VAL A 587 -15.02 -9.06 -12.95
N VAL A 588 -15.41 -9.40 -14.19
CA VAL A 588 -16.41 -8.60 -14.89
C VAL A 588 -17.79 -9.27 -14.75
N GLY A 589 -18.76 -8.50 -14.25
CA GLY A 589 -20.10 -9.03 -14.10
C GLY A 589 -21.11 -8.29 -14.95
N LEU A 590 -21.98 -9.02 -15.63
CA LEU A 590 -23.02 -8.39 -16.43
C LEU A 590 -24.35 -8.36 -15.66
N VAL A 591 -25.01 -7.21 -15.66
CA VAL A 591 -26.23 -7.01 -14.89
C VAL A 591 -27.45 -7.56 -15.63
N ASN A 592 -28.27 -8.34 -14.93
CA ASN A 592 -29.57 -8.76 -15.46
C ASN A 592 -30.63 -7.71 -15.08
N LYS A 593 -31.10 -6.95 -16.08
CA LYS A 593 -32.06 -5.86 -15.86
C LYS A 593 -33.38 -6.30 -15.22
N GLU A 594 -33.73 -7.57 -15.38
CA GLU A 594 -34.97 -8.10 -14.84
C GLU A 594 -35.02 -8.04 -13.32
N ASP A 595 -33.89 -8.33 -12.67
CA ASP A 595 -33.87 -8.40 -11.20
C ASP A 595 -32.60 -7.81 -10.59
N ASP A 596 -31.79 -7.14 -11.41
CA ASP A 596 -30.53 -6.54 -10.96
C ASP A 596 -29.52 -7.54 -10.42
N SER A 597 -29.70 -8.81 -10.76
CA SER A 597 -28.73 -9.83 -10.39
C SER A 597 -27.51 -9.63 -11.29
N ILE A 598 -26.37 -10.16 -10.86
CA ILE A 598 -25.15 -10.01 -11.64
C ILE A 598 -24.54 -11.35 -11.96
N ASP A 599 -24.31 -11.60 -13.24
CA ASP A 599 -23.64 -12.82 -13.69
CA ASP A 599 -23.63 -12.82 -13.62
C ASP A 599 -22.15 -12.53 -13.88
N TRP A 600 -21.32 -13.07 -13.02
CA TRP A 600 -19.88 -12.88 -13.08
C TRP A 600 -19.30 -13.74 -14.19
N LYS A 601 -19.02 -13.10 -15.32
CA LYS A 601 -18.78 -13.82 -16.56
C LYS A 601 -17.30 -13.95 -16.93
N TYR A 602 -16.51 -12.91 -16.66
CA TYR A 602 -15.08 -12.92 -16.97
C TYR A 602 -14.19 -12.72 -15.74
N HIS A 603 -13.08 -13.46 -15.70
CA HIS A 603 -12.06 -13.34 -14.66
C HIS A 603 -10.73 -13.07 -15.35
N TYR A 604 -10.15 -11.89 -15.12
CA TYR A 604 -8.82 -11.59 -15.64
C TYR A 604 -7.77 -11.69 -14.51
N GLY A 605 -6.77 -12.55 -14.69
CA GLY A 605 -5.73 -12.67 -13.69
C GLY A 605 -4.68 -11.57 -13.92
N ILE A 606 -4.51 -10.73 -12.89
CA ILE A 606 -3.59 -9.59 -12.94
C ILE A 606 -2.13 -10.04 -13.03
N ASP A 607 -1.79 -11.12 -12.33
CA ASP A 607 -0.50 -11.78 -12.47
C ASP A 607 -0.71 -13.22 -12.00
N LEU A 608 0.38 -13.95 -11.74
CA LEU A 608 0.30 -15.37 -11.34
C LEU A 608 -0.54 -15.58 -10.10
N PRO A 609 -1.22 -16.75 -10.00
CA PRO A 609 -2.02 -17.04 -8.80
C PRO A 609 -1.20 -16.98 -7.52
N SER A 610 0.11 -17.21 -7.61
CA SER A 610 0.95 -17.29 -6.43
C SER A 610 1.60 -15.96 -6.08
N TYR A 611 1.49 -14.98 -6.98
CA TYR A 611 2.09 -13.66 -6.74
C TYR A 611 1.13 -12.75 -5.98
N GLY A 612 1.68 -11.86 -5.16
CA GLY A 612 0.90 -11.09 -4.21
C GLY A 612 -0.03 -10.07 -4.81
N TYR A 613 -1.20 -9.90 -4.18
CA TYR A 613 -2.16 -8.88 -4.59
C TYR A 613 -3.06 -8.63 -3.40
N ALA A 614 -3.07 -7.39 -2.89
CA ALA A 614 -3.87 -7.11 -1.70
C ALA A 614 -4.88 -6.00 -1.93
N TYR A 615 -4.74 -4.89 -1.22
CA TYR A 615 -5.68 -3.78 -1.39
C TYR A 615 -5.50 -3.20 -2.79
N SER A 616 -6.59 -2.69 -3.37
CA SER A 616 -6.54 -2.23 -4.74
C SER A 616 -7.52 -1.09 -4.98
N ALA A 617 -7.28 -0.36 -6.07
CA ALA A 617 -8.13 0.73 -6.50
C ALA A 617 -8.34 0.56 -7.99
N ILE A 618 -9.56 0.73 -8.46
CA ILE A 618 -9.78 0.70 -9.89
C ILE A 618 -10.65 1.86 -10.31
N THR A 619 -10.43 2.34 -11.52
CA THR A 619 -11.28 3.40 -12.01
C THR A 619 -11.32 3.37 -13.51
N GLU A 620 -12.46 3.75 -14.07
CA GLU A 620 -12.55 3.89 -15.51
C GLU A 620 -11.90 5.21 -15.91
N LEU A 621 -10.88 5.11 -16.77
CA LEU A 621 -10.17 6.32 -17.21
C LEU A 621 -11.07 6.97 -18.24
N PRO A 622 -10.85 8.27 -18.51
CA PRO A 622 -11.75 8.96 -19.45
C PRO A 622 -11.75 8.37 -20.87
N ASN A 623 -10.69 7.64 -21.24
CA ASN A 623 -10.65 7.01 -22.56
C ASN A 623 -11.24 5.60 -22.57
N HIS A 624 -11.90 5.25 -21.47
CA HIS A 624 -12.54 3.94 -21.26
C HIS A 624 -11.60 2.75 -20.99
N HIS A 625 -10.31 3.03 -20.81
CA HIS A 625 -9.39 2.02 -20.28
C HIS A 625 -9.68 1.90 -18.79
N ILE A 626 -9.11 0.89 -18.13
CA ILE A 626 -9.26 0.71 -16.69
C ILE A 626 -7.91 0.94 -16.04
N GLY A 627 -7.84 1.84 -15.06
CA GLY A 627 -6.62 2.04 -14.30
C GLY A 627 -6.70 1.25 -13.00
N VAL A 628 -5.61 0.54 -12.66
CA VAL A 628 -5.58 -0.23 -11.43
C VAL A 628 -4.33 0.15 -10.64
N LEU A 629 -4.52 0.65 -9.42
CA LEU A 629 -3.40 0.92 -8.51
C LEU A 629 -3.54 -0.06 -7.34
N PHE A 630 -2.55 -0.90 -7.12
CA PHE A 630 -2.71 -2.02 -6.18
C PHE A 630 -1.46 -2.37 -5.40
N GLU A 631 -1.67 -2.93 -4.22
CA GLU A 631 -0.58 -3.50 -3.42
C GLU A 631 -0.15 -4.83 -4.04
N LYS A 632 1.02 -4.83 -4.69
CA LYS A 632 1.54 -6.05 -5.29
C LYS A 632 2.39 -6.86 -4.30
N TYR A 633 1.76 -7.28 -3.21
CA TYR A 633 2.40 -8.13 -2.23
C TYR A 633 1.36 -8.60 -1.23
N ASP A 634 1.71 -9.55 -0.39
CA ASP A 634 0.76 -9.99 0.61
C ASP A 634 0.87 -9.06 1.82
N SER A 635 -0.05 -8.10 1.93
CA SER A 635 0.01 -7.12 3.03
C SER A 635 -0.52 -7.68 4.35
N TRP A 636 -0.90 -8.96 4.37
CA TRP A 636 -1.25 -9.63 5.63
C TRP A 636 -0.06 -10.39 6.20
N SER A 637 0.67 -11.04 5.30
CA SER A 637 1.81 -11.89 5.67
C SER A 637 2.81 -11.17 6.57
N ARG A 638 3.20 -11.85 7.65
CA ARG A 638 4.22 -11.29 8.54
C ARG A 638 5.62 -11.52 7.94
N ASN A 639 5.69 -12.18 6.79
CA ASN A 639 6.97 -12.30 6.11
C ASN A 639 7.22 -11.18 5.08
N GLU A 640 6.17 -10.42 4.77
CA GLU A 640 6.25 -9.42 3.69
C GLU A 640 6.02 -7.99 4.17
N LEU A 641 6.34 -7.74 5.43
CA LEU A 641 6.27 -6.40 6.00
C LEU A 641 7.36 -5.50 5.44
N HIS A 642 7.08 -4.20 5.36
CA HIS A 642 8.10 -3.20 5.10
C HIS A 642 8.82 -3.40 3.78
N LEU A 643 8.04 -3.52 2.70
CA LEU A 643 8.60 -3.58 1.35
C LEU A 643 8.36 -2.25 0.64
N SER A 644 9.35 -1.78 -0.12
CA SER A 644 9.21 -0.52 -0.83
C SER A 644 8.81 -0.71 -2.28
N ASN A 645 8.01 0.22 -2.79
CA ASN A 645 7.67 0.27 -4.21
C ASN A 645 6.96 -0.98 -4.69
N VAL A 646 6.00 -1.43 -3.88
CA VAL A 646 5.14 -2.55 -4.24
C VAL A 646 3.71 -2.12 -4.59
N VAL A 647 3.36 -0.89 -4.25
CA VAL A 647 2.09 -0.33 -4.73
C VAL A 647 2.30 0.19 -6.14
N GLN A 648 1.67 -0.46 -7.12
CA GLN A 648 1.98 -0.18 -8.53
C GLN A 648 0.72 0.02 -9.35
N TYR A 649 0.87 0.68 -10.49
CA TYR A 649 -0.24 1.09 -11.33
C TYR A 649 -0.12 0.43 -12.70
N ILE A 650 -1.23 -0.11 -13.21
CA ILE A 650 -1.26 -0.63 -14.57
C ILE A 650 -2.47 -0.12 -15.33
N ASP A 651 -2.40 -0.20 -16.67
CA ASP A 651 -3.49 0.25 -17.54
C ASP A 651 -4.01 -0.96 -18.29
N LEU A 652 -5.32 -1.18 -18.25
CA LEU A 652 -5.94 -2.31 -18.95
C LEU A 652 -7.06 -1.84 -19.86
N GLU A 653 -7.29 -2.59 -20.94
CA GLU A 653 -8.42 -2.36 -21.82
C GLU A 653 -9.45 -3.46 -21.61
N ILE A 654 -10.71 -3.20 -21.93
CA ILE A 654 -11.74 -4.21 -21.70
C ILE A 654 -11.44 -5.48 -22.48
N ASN A 655 -10.90 -5.33 -23.68
CA ASN A 655 -10.55 -6.51 -24.49
C ASN A 655 -9.51 -7.42 -23.84
N ASP A 656 -8.71 -6.86 -22.92
CA ASP A 656 -7.74 -7.64 -22.16
C ASP A 656 -8.43 -8.52 -21.12
N LEU A 657 -9.58 -8.04 -20.63
CA LEU A 657 -10.28 -8.67 -19.53
C LEU A 657 -11.21 -9.78 -20.01
N THR A 658 -11.70 -9.61 -21.23
CA THR A 658 -12.67 -10.55 -21.80
C THR A 658 -11.95 -11.58 -22.68
CAF OPX B . -15.67 7.73 -18.21
CAG OPX B . -16.89 8.55 -18.06
CAH OPX B . -14.78 7.88 -17.01
CAI OPX B . -17.58 8.38 -16.72
CAJ OPX B . -15.51 7.53 -15.75
CAK OPX B . -16.60 8.46 -13.08
CAL OPX B . -17.04 6.48 -11.54
CAM OPX B . -16.36 8.57 -10.63
CAO OPX B . -16.42 6.30 -10.18
CAP OPX B . -15.57 7.42 -10.03
CAQ OPX B . -16.65 8.46 -15.54
CAR OPX B . -17.15 7.97 -11.73
NAN OPX B . -17.35 8.06 -14.31
OAA OPX B . -19.68 7.83 -12.55
OAB OPX B . -19.37 7.93 -10.12
OAC OPX B . -15.66 5.16 -10.23
OAD OPX B . -14.48 7.25 -10.84
OAE OPX B . -19.01 9.93 -11.50
SAS OPX B . -18.87 8.43 -11.46
P PO4 C . 21.76 -26.13 1.55
O1 PO4 C . 21.31 -27.27 0.68
O2 PO4 C . 23.27 -26.11 1.67
O3 PO4 C . 21.26 -24.82 0.95
O4 PO4 C . 21.20 -26.32 2.94
S DMS D . 13.13 -2.75 0.64
O DMS D . 11.87 -2.90 -0.17
C1 DMS D . 14.22 -1.63 -0.27
C2 DMS D . 12.76 -1.69 2.06
S DMS E . 2.98 21.50 27.38
O DMS E . 2.04 22.42 28.10
C1 DMS E . 4.56 21.55 28.28
C2 DMS E . 2.50 19.79 27.74
C11 SFJ F . -8.17 1.65 10.61
C9 SFJ F . -7.83 -4.55 11.57
C10 SFJ F . -7.27 0.47 10.30
C1 SFJ F . -5.66 -4.91 6.58
C7 SFJ F . -6.51 -2.99 10.35
C4 SFJ F . -6.07 -1.01 7.11
C3 SFJ F . -5.22 -2.26 6.68
C5 SFJ F . -6.44 -1.11 8.61
C6 SFJ F . -7.07 -2.45 8.96
C2 SFJ F . -5.73 -3.64 7.47
N5 SFJ F . -7.31 -0.02 9.05
O10 SFJ F . -6.53 0.05 11.16
O9 SFJ F . -7.54 -3.80 12.70
O1A SFJ F . -6.53 -5.77 6.72
O8 SFJ F . -6.89 -5.36 9.63
O7 SFJ F . -5.17 -2.63 10.72
O4 SFJ F . -5.50 0.19 6.81
O6 SFJ F . -7.00 -3.40 7.94
FAI SFJ F . -4.20 -2.04 6.87
FAJ SFJ F . -5.01 -4.05 8.41
O1B SFJ F . -4.64 -4.96 5.88
C8 SFJ F . -6.66 -4.51 10.71
#